data_6BVJ
#
_entry.id   6BVJ
#
_cell.length_a   184.329
_cell.length_b   184.329
_cell.length_c   179.083
_cell.angle_alpha   90.00
_cell.angle_beta   90.00
_cell.angle_gamma   90.00
#
_symmetry.space_group_name_H-M   'I 4 2 2'
#
loop_
_entity.id
_entity.type
_entity.pdbx_description
1 polymer 'GTPase HRas'
2 polymer 'Son of sevenless homolog 1'
3 polymer 'GTPase HRas'
4 non-polymer 'PHOSPHOAMINOPHOSPHONIC ACID-GUANYLATE ESTER'
5 non-polymer 'MAGNESIUM ION'
6 non-polymer 5-chloro-N-{1-[(5-chloro-1H-indol-3-yl)methyl]piperidin-4-yl}-L-tryptophanamide
7 non-polymer 'FORMIC ACID'
8 non-polymer GLYCEROL
9 non-polymer 'SODIUM ION'
10 water water
#
loop_
_entity_poly.entity_id
_entity_poly.type
_entity_poly.pdbx_seq_one_letter_code
_entity_poly.pdbx_strand_id
1 'polypeptide(L)'
;GMTEYKLVVVGAGGVGKSALTIQLIQNHFVDEYDPTIEDSYRKQVVIDGET(CSO)LLDILDTAGQEEYSAMRDQYMRTG
EGFLCVFAINNTKSFEDIHQYREQIKRVKDSDDVPMVLVGNKCDLAARTVESRQAQDLARSYGIPYIETSAKTRQGVEDA
FYTLVREIRQH
;
A
2 'polypeptide(L)'
;GQMRLPSADVYRFAEPDSEENIIFEENMQPKAGIPIIKAGTVIKLIERLTYHMYADPNFVRTFLTTYRSFCKPQELLSLI
IERFEIPEPEPTEADRIAIENGDQPLSAELKRFRKEYIQPVQLRVLNVCRHWVEHHFYDFERDAYLLQRMEEFIGTVRGK
AMKKWVESITKIIQRKKIARDNGPGHNITFQSSPPTVEWHISRPGHIETFDLLTLHPIEIARQLTLLESDLYRAVQPSEL
VGSVWTKEDKEINSPNLLKMIRHTTNLTLWFEKCIVETENLEERVAVVSRIIEILQVFQELNNFNGVLEVVSAMNSSPVY
RLDHTFEQIPSRQKKILEEAHELSEDHYKKYLAKLRSINPPCVPFFGIYLTNILKTEEGNPEVLKRHGKELINFSKRRKV
AEITGEIQQYQNQPYCLRVESDIKRFFENLNPMGNSMEKEFTDYLFNKSLEIEPRNPKPLPRFPKKYSYPLKSPGVRPSN
PR
;
B
3 'polypeptide(L)'
;GMTEYKLVVVGAGGVGKSALTIQLIQNHFVDEYDPTIEDSYRKQVVIDGETCLLDILDTAGQEEYSAMRDQYMRTGEGFL
CVFAINNTKSFEDIHQYREQIKRVKDSDDVPMVLVGNKCDLAARTVESRQAQDLARSYGIPYIETSAKTRQGVEDAFYTL
VREIRQH
;
C
#
# COMPACT_ATOMS: atom_id res chain seq x y z
N MET A 2 -11.72 6.34 12.08
CA MET A 2 -11.12 7.38 11.24
C MET A 2 -12.16 8.10 10.38
N THR A 3 -12.37 9.38 10.66
CA THR A 3 -13.26 10.20 9.85
C THR A 3 -12.54 10.65 8.59
N GLU A 4 -13.25 10.64 7.47
CA GLU A 4 -12.71 11.07 6.19
C GLU A 4 -13.21 12.47 5.87
N TYR A 5 -12.31 13.33 5.37
CA TYR A 5 -12.63 14.72 5.02
C TYR A 5 -12.24 14.98 3.57
N LYS A 6 -13.16 15.53 2.78
CA LYS A 6 -12.90 15.84 1.38
C LYS A 6 -12.56 17.32 1.24
N LEU A 7 -11.29 17.63 1.03
CA LEU A 7 -10.83 19.01 0.87
C LEU A 7 -10.54 19.26 -0.61
N VAL A 8 -10.82 20.49 -1.04
CA VAL A 8 -10.59 20.89 -2.43
C VAL A 8 -9.80 22.19 -2.41
N VAL A 9 -8.73 22.26 -3.21
CA VAL A 9 -7.87 23.43 -3.29
C VAL A 9 -8.17 24.14 -4.61
N VAL A 10 -8.62 25.41 -4.54
CA VAL A 10 -9.02 26.17 -5.73
C VAL A 10 -8.32 27.52 -5.75
N GLY A 11 -8.31 28.14 -6.92
CA GLY A 11 -7.67 29.42 -7.10
C GLY A 11 -7.07 29.55 -8.49
N ALA A 12 -6.64 30.77 -8.82
CA ALA A 12 -6.13 31.07 -10.16
C ALA A 12 -4.88 30.26 -10.50
N GLY A 13 -4.61 30.15 -11.80
CA GLY A 13 -3.42 29.45 -12.26
C GLY A 13 -2.13 30.04 -11.72
N GLY A 14 -1.26 29.18 -11.22
CA GLY A 14 0.08 29.57 -10.81
C GLY A 14 0.21 30.12 -9.41
N VAL A 15 -0.85 30.09 -8.60
CA VAL A 15 -0.75 30.66 -7.26
C VAL A 15 -0.05 29.74 -6.28
N GLY A 16 0.12 28.47 -6.63
CA GLY A 16 0.79 27.51 -5.76
C GLY A 16 -0.11 26.45 -5.13
N LYS A 17 -1.28 26.16 -5.73
CA LYS A 17 -2.15 25.13 -5.16
C LYS A 17 -1.44 23.78 -5.10
N SER A 18 -0.81 23.39 -6.21
CA SER A 18 -0.11 22.11 -6.24
C SER A 18 1.10 22.12 -5.30
N ALA A 19 1.87 23.21 -5.31
CA ALA A 19 3.05 23.25 -4.42
C ALA A 19 2.64 23.15 -2.95
N LEU A 20 1.56 23.84 -2.57
CA LEU A 20 1.06 23.72 -1.21
C LEU A 20 0.69 22.29 -0.88
N THR A 21 -0.03 21.63 -1.79
CA THR A 21 -0.50 20.28 -1.52
C THR A 21 0.66 19.29 -1.41
N ILE A 22 1.62 19.39 -2.32
CA ILE A 22 2.76 18.46 -2.31
C ILE A 22 3.67 18.71 -1.11
N GLN A 23 3.81 19.97 -0.68
CA GLN A 23 4.50 20.25 0.57
C GLN A 23 3.81 19.57 1.76
N LEU A 24 2.48 19.67 1.83
CA LEU A 24 1.75 18.98 2.90
C LEU A 24 1.95 17.47 2.84
N ILE A 25 1.87 16.90 1.62
CA ILE A 25 1.83 15.44 1.49
C ILE A 25 3.24 14.85 1.62
N GLN A 26 4.23 15.48 0.98
CA GLN A 26 5.56 14.90 0.83
C GLN A 26 6.69 15.68 1.50
N ASN A 27 6.40 16.84 2.10
CA ASN A 27 7.44 17.70 2.68
C ASN A 27 8.47 18.13 1.64
N HIS A 28 8.03 18.31 0.40
CA HIS A 28 8.89 18.65 -0.72
C HIS A 28 8.34 19.87 -1.44
N PHE A 29 9.21 20.81 -1.83
CA PHE A 29 8.79 21.98 -2.60
C PHE A 29 9.04 21.77 -4.08
N VAL A 30 7.98 21.89 -4.89
CA VAL A 30 8.07 21.72 -6.34
C VAL A 30 8.43 23.07 -6.97
N ASP A 31 9.57 23.11 -7.66
CA ASP A 31 10.00 24.33 -8.34
C ASP A 31 9.33 24.51 -9.69
N GLU A 32 9.02 23.41 -10.37
CA GLU A 32 8.42 23.48 -11.70
C GLU A 32 6.98 23.96 -11.62
N TYR A 33 6.52 24.52 -12.73
CA TYR A 33 5.14 25.00 -12.89
C TYR A 33 4.54 24.13 -14.00
N ASP A 34 3.96 22.99 -13.58
CA ASP A 34 3.25 22.06 -14.45
C ASP A 34 1.76 22.23 -14.22
N PRO A 35 1.03 22.92 -15.10
CA PRO A 35 -0.39 23.21 -14.82
C PRO A 35 -1.21 21.94 -14.63
N THR A 36 -2.02 21.95 -13.58
CA THR A 36 -2.78 20.79 -13.19
C THR A 36 -4.05 20.67 -14.02
N ILE A 37 -4.48 19.43 -14.25
CA ILE A 37 -5.82 19.19 -14.78
C ILE A 37 -6.71 18.79 -13.61
N GLU A 38 -6.41 17.66 -12.97
CA GLU A 38 -6.98 17.35 -11.66
C GLU A 38 -6.19 16.22 -11.04
N ASP A 39 -5.74 16.43 -9.80
CA ASP A 39 -4.93 15.46 -9.07
C ASP A 39 -5.58 15.21 -7.71
N SER A 40 -5.31 14.03 -7.16
N SER A 40 -5.34 14.03 -7.15
CA SER A 40 -5.87 13.63 -5.88
CA SER A 40 -5.92 13.75 -5.83
C SER A 40 -4.74 13.15 -4.97
C SER A 40 -4.91 13.03 -4.95
N TYR A 41 -4.90 13.40 -3.67
CA TYR A 41 -3.94 12.93 -2.68
C TYR A 41 -4.68 12.45 -1.44
N ARG A 42 -4.05 11.54 -0.67
CA ARG A 42 -4.60 11.12 0.61
C ARG A 42 -3.56 11.26 1.71
N LYS A 43 -4.01 11.60 2.91
CA LYS A 43 -3.11 11.78 4.05
C LYS A 43 -3.80 11.39 5.35
N GLN A 44 -3.23 10.42 6.07
CA GLN A 44 -3.67 10.11 7.42
C GLN A 44 -2.91 11.00 8.39
N VAL A 45 -3.64 11.67 9.29
CA VAL A 45 -2.98 12.62 10.19
C VAL A 45 -3.86 12.79 11.43
N VAL A 46 -3.21 12.99 12.57
CA VAL A 46 -3.92 13.22 13.83
C VAL A 46 -4.06 14.73 14.02
N ILE A 47 -5.30 15.20 14.15
CA ILE A 47 -5.60 16.62 14.30
C ILE A 47 -6.44 16.77 15.57
N ASP A 48 -5.96 17.59 16.52
CA ASP A 48 -6.64 17.76 17.81
C ASP A 48 -6.95 16.41 18.45
N GLY A 49 -5.99 15.49 18.42
CA GLY A 49 -6.11 14.21 19.08
C GLY A 49 -6.96 13.19 18.37
N GLU A 50 -7.49 13.50 17.18
CA GLU A 50 -8.38 12.61 16.46
C GLU A 50 -7.75 12.24 15.13
N THR A 51 -7.69 10.94 14.83
CA THR A 51 -7.10 10.52 13.58
C THR A 51 -8.07 10.73 12.43
N LEU A 53 -8.54 10.99 7.87
CA LEU A 53 -8.06 10.71 6.54
C LEU A 53 -8.50 11.86 5.67
N LEU A 54 -7.52 12.61 5.16
CA LEU A 54 -7.80 13.73 4.28
C LEU A 54 -7.74 13.27 2.84
N ASP A 55 -8.80 13.52 2.07
CA ASP A 55 -8.78 13.38 0.62
C ASP A 55 -8.66 14.78 0.06
N ILE A 56 -7.58 15.05 -0.68
CA ILE A 56 -7.30 16.41 -1.12
C ILE A 56 -7.37 16.42 -2.65
N LEU A 57 -8.29 17.22 -3.19
CA LEU A 57 -8.42 17.39 -4.63
C LEU A 57 -7.69 18.67 -5.02
N ASP A 58 -6.74 18.55 -5.94
CA ASP A 58 -5.93 19.65 -6.42
C ASP A 58 -6.43 20.01 -7.83
N THR A 59 -6.96 21.23 -8.00
CA THR A 59 -7.74 21.54 -9.20
C THR A 59 -6.98 22.44 -10.17
N ALA A 60 -7.58 22.63 -11.33
CA ALA A 60 -6.98 23.42 -12.41
C ALA A 60 -7.32 24.90 -12.24
N GLY A 61 -6.29 25.73 -12.24
CA GLY A 61 -6.49 27.17 -12.21
C GLY A 61 -6.53 27.80 -13.59
N GLN A 62 -6.00 27.14 -14.62
CA GLN A 62 -5.96 27.78 -15.94
C GLN A 62 -7.38 28.02 -16.44
N GLU A 63 -7.58 29.16 -17.12
CA GLU A 63 -8.94 29.56 -17.52
C GLU A 63 -9.54 28.58 -18.54
N GLU A 64 -8.70 27.88 -19.30
CA GLU A 64 -9.22 26.92 -20.27
C GLU A 64 -9.98 25.78 -19.62
N TYR A 65 -9.82 25.56 -18.31
CA TYR A 65 -10.57 24.53 -17.61
C TYR A 65 -11.75 25.09 -16.82
N SER A 66 -12.13 26.35 -17.05
CA SER A 66 -13.07 27.04 -16.17
C SER A 66 -14.51 26.51 -16.27
N ALA A 67 -14.84 25.75 -17.31
CA ALA A 67 -16.18 25.20 -17.44
C ALA A 67 -16.33 23.81 -16.81
N MET A 68 -15.31 23.32 -16.10
CA MET A 68 -15.32 21.95 -15.59
C MET A 68 -15.32 21.88 -14.06
N ARG A 69 -15.79 22.94 -13.39
CA ARG A 69 -15.63 23.04 -11.94
C ARG A 69 -16.80 22.50 -11.14
N ASP A 70 -18.04 22.57 -11.67
CA ASP A 70 -19.18 22.12 -10.88
C ASP A 70 -18.98 20.73 -10.33
N GLN A 71 -18.41 19.83 -11.15
CA GLN A 71 -18.29 18.43 -10.77
C GLN A 71 -17.42 18.23 -9.52
N TYR A 72 -16.35 19.02 -9.38
CA TYR A 72 -15.57 18.84 -8.15
C TYR A 72 -16.12 19.66 -6.98
N MET A 73 -16.84 20.74 -7.25
CA MET A 73 -17.41 21.50 -6.14
C MET A 73 -18.55 20.74 -5.48
N ARG A 74 -19.24 19.88 -6.24
CA ARG A 74 -20.31 19.07 -5.65
C ARG A 74 -19.75 18.12 -4.60
N THR A 75 -18.58 17.53 -4.86
CA THR A 75 -18.08 16.49 -3.96
C THR A 75 -17.34 17.05 -2.75
N GLY A 76 -16.80 18.26 -2.82
CA GLY A 76 -15.96 18.75 -1.74
C GLY A 76 -16.76 19.15 -0.50
N GLU A 77 -16.17 18.87 0.66
N GLU A 77 -16.16 18.91 0.66
CA GLU A 77 -16.75 19.33 1.91
CA GLU A 77 -16.75 19.31 1.93
C GLU A 77 -16.24 20.71 2.29
C GLU A 77 -16.15 20.59 2.50
N GLY A 78 -14.97 20.99 2.03
CA GLY A 78 -14.38 22.26 2.42
C GLY A 78 -13.39 22.70 1.35
N PHE A 79 -13.18 24.01 1.27
CA PHE A 79 -12.40 24.56 0.16
C PHE A 79 -11.30 25.49 0.67
N LEU A 80 -10.06 25.23 0.25
N LEU A 80 -10.09 25.30 0.14
CA LEU A 80 -8.99 26.20 0.40
CA LEU A 80 -8.95 26.18 0.39
C LEU A 80 -9.04 27.12 -0.80
C LEU A 80 -8.85 27.15 -0.78
N CYS A 81 -9.25 28.41 -0.57
CA CYS A 81 -9.33 29.40 -1.65
C CYS A 81 -8.00 30.17 -1.67
N VAL A 82 -7.16 29.89 -2.67
CA VAL A 82 -5.77 30.31 -2.67
C VAL A 82 -5.57 31.44 -3.68
N PHE A 83 -4.86 32.48 -3.26
CA PHE A 83 -4.31 33.48 -4.17
C PHE A 83 -2.84 33.66 -3.82
N ALA A 84 -2.10 34.39 -4.63
CA ALA A 84 -0.69 34.65 -4.35
C ALA A 84 -0.52 36.12 -3.97
N ILE A 85 0.24 36.38 -2.91
CA ILE A 85 0.29 37.74 -2.39
C ILE A 85 1.07 38.70 -3.28
N ASN A 86 1.70 38.19 -4.34
CA ASN A 86 2.37 39.04 -5.32
C ASN A 86 1.62 39.08 -6.66
N ASN A 87 0.33 38.73 -6.66
N ASN A 87 0.32 38.78 -6.64
CA ASN A 87 -0.44 38.71 -7.90
CA ASN A 87 -0.49 38.66 -7.86
C ASN A 87 -1.84 39.25 -7.59
C ASN A 87 -1.89 39.20 -7.54
N THR A 88 -2.06 40.54 -7.86
N THR A 88 -2.10 40.50 -7.79
CA THR A 88 -3.33 41.16 -7.52
CA THR A 88 -3.39 41.09 -7.45
C THR A 88 -4.50 40.52 -8.26
C THR A 88 -4.53 40.51 -8.27
N LYS A 89 -4.28 40.11 -9.52
CA LYS A 89 -5.36 39.51 -10.28
C LYS A 89 -5.86 38.22 -9.64
N SER A 90 -4.94 37.41 -9.08
CA SER A 90 -5.37 36.18 -8.41
C SER A 90 -6.22 36.49 -7.18
N PHE A 91 -5.96 37.60 -6.49
CA PHE A 91 -6.80 37.98 -5.38
C PHE A 91 -8.18 38.40 -5.87
N GLU A 92 -8.24 39.15 -6.97
CA GLU A 92 -9.53 39.54 -7.53
C GLU A 92 -10.31 38.34 -8.06
N ASP A 93 -9.63 37.24 -8.41
CA ASP A 93 -10.33 36.05 -8.85
C ASP A 93 -10.99 35.27 -7.71
N ILE A 94 -10.63 35.55 -6.46
CA ILE A 94 -11.15 34.77 -5.33
C ILE A 94 -12.67 34.83 -5.28
N HIS A 95 -13.26 36.00 -5.49
CA HIS A 95 -14.69 36.09 -5.27
C HIS A 95 -15.47 35.26 -6.28
N GLN A 96 -14.95 35.10 -7.51
N GLN A 96 -14.93 35.06 -7.49
CA GLN A 96 -15.59 34.20 -8.46
CA GLN A 96 -15.58 34.21 -8.47
C GLN A 96 -15.67 32.78 -7.91
C GLN A 96 -15.62 32.76 -8.03
N TYR A 97 -14.55 32.28 -7.37
CA TYR A 97 -14.57 30.92 -6.81
C TYR A 97 -15.53 30.83 -5.64
N ARG A 98 -15.52 31.83 -4.76
CA ARG A 98 -16.43 31.84 -3.62
C ARG A 98 -17.88 31.79 -4.07
N GLU A 99 -18.23 32.58 -5.08
CA GLU A 99 -19.62 32.62 -5.51
C GLU A 99 -20.02 31.34 -6.22
N GLN A 100 -19.12 30.75 -7.01
CA GLN A 100 -19.45 29.50 -7.69
C GLN A 100 -19.66 28.38 -6.68
N ILE A 101 -18.80 28.29 -5.65
CA ILE A 101 -18.96 27.25 -4.66
C ILE A 101 -20.32 27.38 -3.97
N LYS A 102 -20.68 28.61 -3.58
CA LYS A 102 -21.97 28.85 -2.93
C LYS A 102 -23.13 28.43 -3.83
N ARG A 103 -23.05 28.76 -5.13
N ARG A 103 -23.01 28.71 -5.14
CA ARG A 103 -24.12 28.36 -6.03
CA ARG A 103 -24.05 28.41 -6.10
C ARG A 103 -24.22 26.83 -6.12
C ARG A 103 -24.22 26.89 -6.27
N VAL A 104 -23.11 26.17 -6.42
CA VAL A 104 -23.15 24.72 -6.66
C VAL A 104 -23.65 23.99 -5.42
N LYS A 105 -23.13 24.36 -4.25
CA LYS A 105 -23.54 23.66 -3.04
C LYS A 105 -24.83 24.21 -2.46
N ASP A 106 -25.40 25.24 -3.08
CA ASP A 106 -26.65 25.86 -2.65
C ASP A 106 -26.61 26.14 -1.14
N SER A 107 -25.59 26.91 -0.75
CA SER A 107 -25.36 27.15 0.67
C SER A 107 -24.53 28.40 0.87
N ASP A 108 -24.90 29.19 1.87
CA ASP A 108 -24.17 30.34 2.33
C ASP A 108 -23.14 29.99 3.39
N ASP A 109 -23.02 28.71 3.75
CA ASP A 109 -22.29 28.28 4.93
C ASP A 109 -21.38 27.09 4.60
N VAL A 110 -20.52 27.26 3.59
CA VAL A 110 -19.59 26.20 3.19
C VAL A 110 -18.26 26.39 3.90
N PRO A 111 -17.69 25.36 4.53
CA PRO A 111 -16.36 25.49 5.14
C PRO A 111 -15.32 25.95 4.13
N MET A 112 -14.65 27.06 4.45
N MET A 112 -14.63 27.05 4.45
CA MET A 112 -13.63 27.64 3.57
CA MET A 112 -13.62 27.60 3.57
C MET A 112 -12.53 28.27 4.41
C MET A 112 -12.55 28.29 4.39
N VAL A 113 -11.34 28.36 3.82
CA VAL A 113 -10.24 29.14 4.37
C VAL A 113 -9.65 29.96 3.23
N LEU A 114 -9.39 31.24 3.48
CA LEU A 114 -8.71 32.10 2.50
C LEU A 114 -7.21 31.99 2.71
N VAL A 115 -6.46 31.66 1.65
CA VAL A 115 -5.02 31.42 1.74
C VAL A 115 -4.28 32.40 0.85
N GLY A 116 -3.37 33.17 1.45
CA GLY A 116 -2.48 34.03 0.69
C GLY A 116 -1.10 33.40 0.62
N ASN A 117 -0.77 32.81 -0.54
CA ASN A 117 0.44 32.00 -0.68
C ASN A 117 1.61 32.84 -1.19
N LYS A 118 2.80 32.23 -1.17
CA LYS A 118 4.08 32.81 -1.57
C LYS A 118 4.53 33.90 -0.60
N CYS A 119 4.24 33.74 0.70
CA CYS A 119 4.57 34.78 1.66
C CYS A 119 6.07 34.84 1.97
N ASP A 120 6.88 33.95 1.36
CA ASP A 120 8.33 34.04 1.43
C ASP A 120 8.90 35.13 0.51
N LEU A 121 8.10 35.63 -0.43
CA LEU A 121 8.59 36.63 -1.37
C LEU A 121 8.41 38.01 -0.78
N ALA A 122 9.46 38.84 -0.89
CA ALA A 122 9.41 40.19 -0.32
C ALA A 122 8.44 41.10 -1.09
N ALA A 123 8.33 40.92 -2.40
CA ALA A 123 7.64 41.88 -3.27
C ALA A 123 6.13 41.62 -3.30
N ARG A 124 5.50 41.93 -2.17
CA ARG A 124 4.06 41.76 -2.00
C ARG A 124 3.28 42.86 -2.71
N THR A 125 2.17 42.49 -3.37
CA THR A 125 1.25 43.47 -3.94
C THR A 125 -0.15 43.44 -3.36
N VAL A 126 -0.52 42.41 -2.61
CA VAL A 126 -1.79 42.35 -1.89
C VAL A 126 -1.49 42.47 -0.40
N GLU A 127 -2.00 43.53 0.23
CA GLU A 127 -1.71 43.72 1.64
C GLU A 127 -2.56 42.78 2.50
N SER A 128 -1.98 42.33 3.63
CA SER A 128 -2.69 41.43 4.53
C SER A 128 -4.05 42.00 4.94
N ARG A 129 -4.10 43.32 5.17
CA ARG A 129 -5.34 43.93 5.63
C ARG A 129 -6.46 43.77 4.60
N GLN A 130 -6.16 43.98 3.32
CA GLN A 130 -7.19 43.82 2.29
C GLN A 130 -7.72 42.39 2.24
N ALA A 131 -6.84 41.40 2.37
CA ALA A 131 -7.27 40.02 2.37
C ALA A 131 -8.05 39.69 3.64
N GLN A 132 -7.60 40.21 4.79
CA GLN A 132 -8.31 39.95 6.03
C GLN A 132 -9.71 40.55 6.00
N ASP A 133 -9.86 41.74 5.40
CA ASP A 133 -11.18 42.34 5.27
C ASP A 133 -12.11 41.43 4.46
N LEU A 134 -11.61 40.89 3.35
CA LEU A 134 -12.40 39.97 2.54
C LEU A 134 -12.79 38.73 3.32
N ALA A 135 -11.83 38.13 4.02
CA ALA A 135 -12.11 36.94 4.82
C ALA A 135 -13.21 37.23 5.85
N ARG A 136 -13.14 38.38 6.53
CA ARG A 136 -14.17 38.69 7.52
C ARG A 136 -15.54 38.81 6.88
N SER A 137 -15.61 39.38 5.67
CA SER A 137 -16.88 39.48 4.96
C SER A 137 -17.46 38.13 4.58
N TYR A 138 -16.60 37.11 4.47
CA TYR A 138 -17.01 35.73 4.21
C TYR A 138 -17.23 34.95 5.50
N GLY A 139 -16.82 35.48 6.64
CA GLY A 139 -16.89 34.73 7.88
C GLY A 139 -15.86 33.62 8.01
N ILE A 140 -14.69 33.75 7.39
CA ILE A 140 -13.71 32.66 7.36
C ILE A 140 -12.35 33.19 7.77
N PRO A 141 -11.44 32.30 8.21
CA PRO A 141 -10.10 32.76 8.57
C PRO A 141 -9.23 32.99 7.34
N TYR A 142 -8.18 33.79 7.55
CA TYR A 142 -7.20 34.11 6.54
C TYR A 142 -5.83 33.65 7.04
N ILE A 143 -5.15 32.85 6.23
CA ILE A 143 -3.85 32.29 6.62
C ILE A 143 -2.86 32.52 5.49
N GLU A 144 -1.72 33.14 5.79
CA GLU A 144 -0.67 33.33 4.80
C GLU A 144 0.31 32.16 4.87
N THR A 145 0.72 31.68 3.70
CA THR A 145 1.48 30.44 3.60
C THR A 145 2.67 30.62 2.66
N SER A 146 3.63 29.71 2.80
CA SER A 146 4.66 29.53 1.79
C SER A 146 4.85 28.04 1.55
N ALA A 147 4.54 27.59 0.33
CA ALA A 147 4.82 26.21 -0.01
C ALA A 147 6.31 25.95 -0.04
N LYS A 148 7.12 27.00 -0.18
CA LYS A 148 8.57 26.84 -0.25
C LYS A 148 9.19 26.61 1.12
N THR A 149 8.81 27.40 2.12
CA THR A 149 9.39 27.27 3.46
C THR A 149 8.57 26.43 4.42
N ARG A 150 7.32 26.09 4.09
CA ARG A 150 6.32 25.40 4.91
C ARG A 150 5.59 26.34 5.85
N GLN A 151 5.94 27.63 5.93
CA GLN A 151 5.23 28.55 6.81
C GLN A 151 3.72 28.49 6.55
N GLY A 152 2.94 28.26 7.61
CA GLY A 152 1.49 28.30 7.52
C GLY A 152 0.81 27.13 6.84
N VAL A 153 1.54 26.16 6.28
CA VAL A 153 0.92 25.16 5.41
C VAL A 153 0.02 24.22 6.22
N GLU A 154 0.56 23.63 7.29
CA GLU A 154 -0.28 22.79 8.15
C GLU A 154 -1.45 23.59 8.73
N ASP A 155 -1.19 24.84 9.13
CA ASP A 155 -2.23 25.66 9.71
C ASP A 155 -3.40 25.84 8.74
N ALA A 156 -3.09 26.07 7.45
CA ALA A 156 -4.17 26.30 6.49
C ALA A 156 -5.03 25.04 6.33
N PHE A 157 -4.39 23.90 6.07
CA PHE A 157 -5.16 22.68 5.82
C PHE A 157 -5.88 22.22 7.07
N TYR A 158 -5.22 22.27 8.22
CA TYR A 158 -5.85 21.71 9.42
C TYR A 158 -6.91 22.67 9.97
N THR A 159 -6.79 23.98 9.71
CA THR A 159 -7.89 24.88 10.03
C THR A 159 -9.12 24.53 9.22
N LEU A 160 -8.94 24.20 7.94
CA LEU A 160 -10.09 23.80 7.11
C LEU A 160 -10.74 22.53 7.66
N VAL A 161 -9.94 21.55 8.09
CA VAL A 161 -10.49 20.35 8.69
C VAL A 161 -11.34 20.70 9.90
N ARG A 162 -10.85 21.58 10.77
CA ARG A 162 -11.62 21.96 11.95
C ARG A 162 -12.95 22.61 11.57
N GLU A 163 -12.99 23.34 10.46
N GLU A 163 -12.95 23.40 10.49
CA GLU A 163 -14.25 23.97 10.07
CA GLU A 163 -14.20 23.99 10.01
C GLU A 163 -15.24 22.97 9.49
C GLU A 163 -15.20 22.92 9.61
N ILE A 164 -14.75 21.93 8.84
CA ILE A 164 -15.63 20.84 8.42
C ILE A 164 -16.14 20.08 9.65
N ARG A 165 -15.28 19.87 10.64
CA ARG A 165 -15.65 19.11 11.82
C ARG A 165 -16.70 19.82 12.66
N GLN A 166 -16.70 21.15 12.69
CA GLN A 166 -17.67 21.91 13.46
C GLN A 166 -18.88 22.34 12.64
N HIS A 167 -18.90 22.01 11.36
CA HIS A 167 -20.00 22.40 10.46
C HIS A 167 -21.31 21.70 10.82
N GLY B 1 -32.22 19.87 -23.34
CA GLY B 1 -31.99 18.46 -23.60
C GLY B 1 -30.51 18.10 -23.59
N GLN B 2 -30.22 16.82 -23.61
CA GLN B 2 -28.84 16.40 -23.67
C GLN B 2 -28.23 16.73 -25.04
N MET B 3 -26.92 16.87 -25.06
CA MET B 3 -26.22 17.06 -26.32
C MET B 3 -26.35 15.81 -27.16
N ARG B 4 -26.54 16.01 -28.46
CA ARG B 4 -26.40 14.90 -29.38
C ARG B 4 -24.93 14.50 -29.50
N LEU B 5 -24.70 13.26 -29.89
CA LEU B 5 -23.39 12.64 -29.93
C LEU B 5 -23.05 12.25 -31.37
N PRO B 6 -21.77 12.01 -31.68
CA PRO B 6 -21.45 11.45 -32.99
C PRO B 6 -22.10 10.10 -33.16
N SER B 7 -22.28 9.70 -34.42
CA SER B 7 -22.75 8.37 -34.72
C SER B 7 -21.78 7.33 -34.17
N ALA B 8 -22.31 6.30 -33.51
CA ALA B 8 -21.46 5.25 -32.98
C ALA B 8 -20.69 4.53 -34.07
N ASP B 9 -21.10 4.70 -35.34
CA ASP B 9 -20.38 4.07 -36.45
C ASP B 9 -19.07 4.79 -36.74
N VAL B 10 -19.00 6.10 -36.51
CA VAL B 10 -17.75 6.83 -36.71
C VAL B 10 -16.98 7.05 -35.42
N TYR B 11 -17.61 6.90 -34.26
CA TYR B 11 -16.94 7.18 -32.98
C TYR B 11 -17.45 6.16 -31.97
N ARG B 12 -16.61 5.17 -31.64
CA ARG B 12 -17.07 4.00 -30.90
C ARG B 12 -17.53 4.35 -29.49
N PHE B 13 -17.09 5.46 -28.93
CA PHE B 13 -17.37 5.77 -27.53
C PHE B 13 -18.72 6.44 -27.34
N ALA B 14 -19.56 6.48 -28.36
CA ALA B 14 -20.90 7.04 -28.28
C ALA B 14 -21.98 5.96 -28.22
N GLU B 15 -21.60 4.70 -28.19
CA GLU B 15 -22.58 3.64 -28.05
C GLU B 15 -23.31 3.80 -26.72
N PRO B 16 -24.62 3.56 -26.68
CA PRO B 16 -25.35 3.70 -25.41
C PRO B 16 -24.92 2.66 -24.38
N ASP B 17 -24.95 3.06 -23.11
CA ASP B 17 -24.76 2.11 -22.02
C ASP B 17 -25.84 1.04 -22.07
N SER B 18 -25.43 -0.20 -21.85
CA SER B 18 -26.37 -1.30 -21.67
C SER B 18 -25.72 -2.32 -20.77
N GLU B 19 -26.52 -3.26 -20.26
CA GLU B 19 -25.94 -4.33 -19.45
C GLU B 19 -25.07 -5.27 -20.27
N GLU B 20 -25.09 -5.18 -21.60
CA GLU B 20 -24.15 -5.93 -22.41
C GLU B 20 -22.78 -5.28 -22.51
N ASN B 21 -22.61 -4.04 -22.03
CA ASN B 21 -21.30 -3.42 -22.10
C ASN B 21 -20.85 -2.72 -20.82
N ILE B 22 -21.72 -2.50 -19.83
CA ILE B 22 -21.29 -1.90 -18.56
C ILE B 22 -22.27 -2.28 -17.47
N ILE B 23 -21.75 -2.58 -16.28
CA ILE B 23 -22.55 -2.89 -15.10
C ILE B 23 -22.06 -2.03 -13.94
N PHE B 24 -22.98 -1.35 -13.28
CA PHE B 24 -22.62 -0.48 -12.17
C PHE B 24 -22.90 -1.17 -10.84
N GLU B 25 -22.12 -0.81 -9.82
CA GLU B 25 -22.44 -1.25 -8.47
C GLU B 25 -23.70 -0.56 -7.97
N GLU B 26 -24.39 -1.21 -7.04
CA GLU B 26 -25.54 -0.60 -6.38
C GLU B 26 -25.07 0.46 -5.38
N GLY B 33 -21.70 11.72 -5.76
CA GLY B 33 -22.49 10.56 -6.15
C GLY B 33 -22.24 10.14 -7.59
N ILE B 34 -20.97 9.91 -7.94
CA ILE B 34 -20.65 9.42 -9.27
C ILE B 34 -20.80 7.90 -9.25
N PRO B 35 -21.15 7.29 -10.38
CA PRO B 35 -21.33 5.84 -10.40
C PRO B 35 -20.02 5.09 -10.18
N ILE B 36 -20.15 3.89 -9.66
CA ILE B 36 -19.01 2.98 -9.43
C ILE B 36 -19.20 1.77 -10.34
N ILE B 37 -18.18 1.48 -11.15
CA ILE B 37 -18.29 0.47 -12.19
C ILE B 37 -17.93 -0.90 -11.62
N LYS B 38 -18.82 -1.87 -11.80
CA LYS B 38 -18.52 -3.25 -11.45
C LYS B 38 -17.80 -3.99 -12.58
N ALA B 39 -18.25 -3.81 -13.82
CA ALA B 39 -17.70 -4.53 -14.95
C ALA B 39 -18.01 -3.76 -16.22
N GLY B 40 -17.22 -4.01 -17.27
CA GLY B 40 -17.55 -3.41 -18.56
C GLY B 40 -16.57 -3.83 -19.63
N THR B 41 -16.90 -3.48 -20.88
CA THR B 41 -15.94 -3.64 -21.95
C THR B 41 -14.81 -2.63 -21.79
N VAL B 42 -13.68 -2.89 -22.44
CA VAL B 42 -12.57 -1.94 -22.35
C VAL B 42 -12.97 -0.58 -22.93
N ILE B 43 -13.77 -0.59 -24.00
CA ILE B 43 -14.26 0.68 -24.58
C ILE B 43 -15.06 1.47 -23.54
N LYS B 44 -15.95 0.80 -22.80
CA LYS B 44 -16.74 1.50 -21.80
C LYS B 44 -15.89 1.97 -20.62
N LEU B 45 -14.89 1.17 -20.21
CA LEU B 45 -14.01 1.60 -19.14
C LEU B 45 -13.26 2.88 -19.54
N ILE B 46 -12.79 2.94 -20.79
CA ILE B 46 -12.04 4.11 -21.24
C ILE B 46 -12.95 5.32 -21.39
N GLU B 47 -14.19 5.11 -21.86
CA GLU B 47 -15.18 6.19 -21.89
C GLU B 47 -15.36 6.80 -20.52
N ARG B 48 -15.56 5.96 -19.49
CA ARG B 48 -15.80 6.49 -18.16
C ARG B 48 -14.53 7.01 -17.51
N LEU B 49 -13.37 6.51 -17.93
CA LEU B 49 -12.09 7.05 -17.48
C LEU B 49 -11.91 8.50 -17.89
N THR B 50 -12.58 8.91 -18.95
CA THR B 50 -12.40 10.21 -19.58
C THR B 50 -13.77 10.86 -19.83
N TYR B 51 -14.64 10.78 -18.84
CA TYR B 51 -16.06 11.08 -19.05
C TYR B 51 -16.30 12.58 -19.12
N HIS B 52 -17.27 12.98 -19.97
CA HIS B 52 -17.45 14.42 -20.14
C HIS B 52 -18.15 15.07 -18.94
N MET B 53 -18.87 14.31 -18.12
CA MET B 53 -19.67 14.92 -17.06
C MET B 53 -18.91 15.13 -15.76
N TYR B 54 -17.85 14.36 -15.52
CA TYR B 54 -17.16 14.49 -14.24
C TYR B 54 -15.76 13.93 -14.38
N ALA B 55 -14.87 14.39 -13.50
CA ALA B 55 -13.55 13.81 -13.34
C ALA B 55 -13.60 12.74 -12.26
N ASP B 56 -12.66 11.80 -12.34
CA ASP B 56 -12.65 10.66 -11.43
C ASP B 56 -11.20 10.30 -11.16
N PRO B 57 -10.50 11.12 -10.38
CA PRO B 57 -9.06 10.91 -10.18
C PRO B 57 -8.73 9.57 -9.56
N ASN B 58 -9.59 9.04 -8.67
N ASN B 58 -9.56 9.08 -8.63
CA ASN B 58 -9.31 7.74 -8.08
CA ASN B 58 -9.35 7.76 -8.08
C ASN B 58 -9.50 6.61 -9.09
C ASN B 58 -9.39 6.71 -9.17
N PHE B 59 -10.38 6.80 -10.08
CA PHE B 59 -10.51 5.84 -11.15
C PHE B 59 -9.29 5.88 -12.08
N VAL B 60 -8.75 7.08 -12.33
CA VAL B 60 -7.55 7.15 -13.16
C VAL B 60 -6.40 6.39 -12.50
N ARG B 61 -6.22 6.56 -11.19
CA ARG B 61 -5.16 5.83 -10.51
C ARG B 61 -5.43 4.32 -10.53
N THR B 62 -6.66 3.91 -10.20
N THR B 62 -6.66 3.90 -10.26
CA THR B 62 -7.02 2.50 -10.21
CA THR B 62 -6.94 2.47 -10.21
C THR B 62 -6.74 1.89 -11.59
C THR B 62 -6.84 1.82 -11.58
N PHE B 63 -7.26 2.54 -12.63
CA PHE B 63 -7.10 2.02 -13.99
C PHE B 63 -5.63 1.93 -14.38
N LEU B 64 -4.86 3.01 -14.20
CA LEU B 64 -3.47 2.98 -14.64
C LEU B 64 -2.63 2.02 -13.81
N THR B 65 -3.03 1.74 -12.57
CA THR B 65 -2.30 0.76 -11.76
C THR B 65 -2.55 -0.67 -12.24
N THR B 66 -3.77 -0.98 -12.72
CA THR B 66 -4.20 -2.36 -12.90
C THR B 66 -4.52 -2.79 -14.32
N TYR B 67 -4.47 -1.89 -15.30
CA TYR B 67 -5.06 -2.22 -16.61
C TYR B 67 -4.32 -3.31 -17.36
N ARG B 68 -3.05 -3.58 -17.04
CA ARG B 68 -2.30 -4.51 -17.87
C ARG B 68 -2.80 -5.94 -17.74
N SER B 69 -3.64 -6.23 -16.74
CA SER B 69 -4.30 -7.53 -16.63
C SER B 69 -5.40 -7.72 -17.65
N PHE B 70 -5.80 -6.66 -18.38
CA PHE B 70 -6.83 -6.81 -19.40
C PHE B 70 -6.58 -6.03 -20.69
N CYS B 71 -5.52 -5.23 -20.79
CA CYS B 71 -5.25 -4.46 -22.00
C CYS B 71 -3.76 -4.20 -22.09
N LYS B 72 -3.16 -4.40 -23.26
CA LYS B 72 -1.73 -4.15 -23.37
C LYS B 72 -1.44 -2.65 -23.44
N PRO B 73 -0.27 -2.21 -22.95
CA PRO B 73 0.06 -0.78 -23.03
C PRO B 73 -0.07 -0.18 -24.43
N GLN B 74 0.39 -0.87 -25.46
CA GLN B 74 0.26 -0.35 -26.83
C GLN B 74 -1.20 -0.18 -27.21
N GLU B 75 -2.05 -1.11 -26.77
CA GLU B 75 -3.46 -1.03 -27.12
C GLU B 75 -4.16 0.07 -26.33
N LEU B 76 -3.78 0.28 -25.07
CA LEU B 76 -4.33 1.39 -24.31
C LEU B 76 -4.05 2.73 -25.00
N LEU B 77 -2.80 2.93 -25.44
CA LEU B 77 -2.48 4.20 -26.11
C LEU B 77 -3.32 4.37 -27.38
N SER B 78 -3.46 3.31 -28.18
CA SER B 78 -4.30 3.42 -29.37
C SER B 78 -5.73 3.82 -29.00
N LEU B 79 -6.26 3.24 -27.93
CA LEU B 79 -7.64 3.52 -27.55
C LEU B 79 -7.81 4.94 -27.02
N ILE B 80 -6.84 5.47 -26.27
CA ILE B 80 -7.08 6.83 -25.79
C ILE B 80 -6.85 7.84 -26.91
N ILE B 81 -5.99 7.52 -27.89
CA ILE B 81 -5.89 8.39 -29.06
C ILE B 81 -7.20 8.39 -29.84
N GLU B 82 -7.80 7.21 -30.02
CA GLU B 82 -9.12 7.13 -30.65
C GLU B 82 -10.16 7.93 -29.87
N ARG B 83 -10.12 7.86 -28.54
CA ARG B 83 -11.05 8.63 -27.71
C ARG B 83 -10.88 10.13 -27.92
N PHE B 84 -9.64 10.59 -28.09
CA PHE B 84 -9.32 12.00 -28.23
C PHE B 84 -9.88 12.59 -29.51
N GLU B 85 -9.96 11.79 -30.57
CA GLU B 85 -10.26 12.31 -31.91
C GLU B 85 -11.76 12.31 -32.15
N ILE B 86 -12.41 13.34 -31.61
CA ILE B 86 -13.87 13.43 -31.57
C ILE B 86 -14.34 14.26 -32.77
N PRO B 87 -15.26 13.76 -33.57
CA PRO B 87 -15.76 14.56 -34.69
C PRO B 87 -16.70 15.65 -34.23
N GLU B 88 -16.65 16.81 -34.96
CA GLU B 88 -17.56 17.90 -34.63
C GLU B 88 -18.86 17.77 -35.41
N PRO B 89 -19.98 18.23 -34.86
CA PRO B 89 -21.26 18.08 -35.58
C PRO B 89 -21.36 19.05 -36.75
N GLU B 90 -22.23 18.70 -37.71
CA GLU B 90 -22.47 19.56 -38.86
C GLU B 90 -23.36 20.75 -38.49
N PRO B 91 -23.37 21.81 -39.30
CA PRO B 91 -24.25 22.94 -39.01
C PRO B 91 -25.72 22.52 -38.95
N THR B 92 -26.46 23.16 -38.06
CA THR B 92 -27.88 22.89 -37.89
C THR B 92 -28.71 23.68 -38.89
N GLU B 93 -30.02 23.42 -38.88
CA GLU B 93 -30.92 24.11 -39.81
C GLU B 93 -30.85 25.62 -39.65
N ALA B 94 -30.84 26.11 -38.40
CA ALA B 94 -30.75 27.57 -38.21
C ALA B 94 -29.42 28.12 -38.73
N ASP B 95 -28.33 27.35 -38.55
CA ASP B 95 -27.05 27.77 -39.09
C ASP B 95 -27.09 27.83 -40.62
N ARG B 96 -27.71 26.82 -41.25
N ARG B 96 -27.69 26.81 -41.23
CA ARG B 96 -27.76 26.82 -42.72
CA ARG B 96 -27.83 26.75 -42.68
C ARG B 96 -28.54 28.01 -43.24
C ARG B 96 -28.53 27.98 -43.23
N ILE B 97 -29.65 28.34 -42.60
CA ILE B 97 -30.45 29.46 -43.07
C ILE B 97 -29.69 30.78 -42.93
N ALA B 98 -28.92 30.94 -41.85
CA ALA B 98 -28.10 32.14 -41.70
C ALA B 98 -27.06 32.22 -42.80
N ILE B 99 -26.37 31.11 -43.07
CA ILE B 99 -25.34 31.11 -44.10
C ILE B 99 -25.95 31.40 -45.48
N GLU B 100 -27.14 30.86 -45.75
CA GLU B 100 -27.77 31.12 -47.04
C GLU B 100 -28.11 32.58 -47.22
N ASN B 101 -28.21 33.34 -46.14
CA ASN B 101 -28.48 34.77 -46.21
C ASN B 101 -27.21 35.61 -46.12
N GLY B 102 -26.03 34.99 -46.17
CA GLY B 102 -24.80 35.75 -46.06
C GLY B 102 -24.44 36.20 -44.66
N ASP B 103 -25.14 35.69 -43.64
CA ASP B 103 -24.88 36.05 -42.25
C ASP B 103 -24.04 35.00 -41.56
N GLN B 104 -23.42 35.40 -40.45
CA GLN B 104 -22.64 34.47 -39.66
C GLN B 104 -23.58 33.60 -38.81
N PRO B 105 -23.44 32.28 -38.82
CA PRO B 105 -24.32 31.45 -37.99
C PRO B 105 -23.98 31.61 -36.52
N LEU B 106 -24.99 31.36 -35.68
CA LEU B 106 -24.77 31.39 -34.24
C LEU B 106 -23.99 30.16 -33.78
N SER B 107 -24.17 29.03 -34.46
CA SER B 107 -23.46 27.77 -34.16
C SER B 107 -23.62 27.38 -32.69
N ALA B 108 -24.83 27.56 -32.15
CA ALA B 108 -25.04 27.35 -30.72
C ALA B 108 -24.75 25.90 -30.33
N GLU B 109 -25.24 24.94 -31.12
CA GLU B 109 -25.05 23.54 -30.77
C GLU B 109 -23.59 23.13 -30.89
N LEU B 110 -22.91 23.62 -31.93
CA LEU B 110 -21.49 23.32 -32.11
C LEU B 110 -20.66 23.86 -30.95
N LYS B 111 -20.90 25.12 -30.58
CA LYS B 111 -20.16 25.72 -29.47
C LYS B 111 -20.41 24.98 -28.16
N ARG B 112 -21.65 24.57 -27.91
CA ARG B 112 -21.93 23.80 -26.70
C ARG B 112 -21.22 22.46 -26.72
N PHE B 113 -21.27 21.76 -27.87
CA PHE B 113 -20.61 20.45 -27.95
C PHE B 113 -19.11 20.59 -27.71
N ARG B 114 -18.49 21.65 -28.25
CA ARG B 114 -17.07 21.88 -28.00
C ARG B 114 -16.80 22.12 -26.51
N LYS B 115 -17.60 22.98 -25.89
CA LYS B 115 -17.35 23.41 -24.51
C LYS B 115 -17.67 22.30 -23.51
N GLU B 116 -18.70 21.50 -23.78
CA GLU B 116 -19.21 20.58 -22.77
C GLU B 116 -18.93 19.11 -23.08
N TYR B 117 -18.52 18.77 -24.30
CA TYR B 117 -18.11 17.40 -24.61
C TYR B 117 -16.65 17.32 -25.05
N ILE B 118 -16.27 18.00 -26.14
CA ILE B 118 -14.92 17.80 -26.70
C ILE B 118 -13.86 18.27 -25.71
N GLN B 119 -13.98 19.50 -25.21
CA GLN B 119 -12.89 20.00 -24.37
C GLN B 119 -12.74 19.22 -23.07
N PRO B 120 -13.81 18.87 -22.36
CA PRO B 120 -13.61 18.04 -21.15
C PRO B 120 -13.06 16.66 -21.44
N VAL B 121 -13.55 15.98 -22.48
CA VAL B 121 -13.04 14.65 -22.80
C VAL B 121 -11.58 14.72 -23.19
N GLN B 122 -11.22 15.70 -24.04
CA GLN B 122 -9.84 15.80 -24.49
C GLN B 122 -8.92 16.13 -23.32
N LEU B 123 -9.34 17.03 -22.44
N LEU B 123 -9.33 17.04 -22.45
CA LEU B 123 -8.51 17.35 -21.28
CA LEU B 123 -8.51 17.36 -21.27
C LEU B 123 -8.37 16.14 -20.37
C LEU B 123 -8.36 16.14 -20.37
N ARG B 124 -9.42 15.35 -20.24
CA ARG B 124 -9.33 14.16 -19.38
C ARG B 124 -8.49 13.06 -20.03
N VAL B 125 -8.47 12.97 -21.36
CA VAL B 125 -7.49 12.09 -22.02
C VAL B 125 -6.07 12.56 -21.71
N LEU B 126 -5.83 13.87 -21.79
CA LEU B 126 -4.49 14.36 -21.48
C LEU B 126 -4.13 14.11 -20.01
N ASN B 127 -5.11 14.17 -19.12
CA ASN B 127 -4.83 13.88 -17.71
C ASN B 127 -4.45 12.42 -17.52
N VAL B 128 -5.05 11.51 -18.29
CA VAL B 128 -4.61 10.11 -18.26
C VAL B 128 -3.17 10.01 -18.73
N CYS B 129 -2.84 10.69 -19.85
CA CYS B 129 -1.46 10.68 -20.34
C CYS B 129 -0.49 11.24 -19.31
N ARG B 130 -0.86 12.34 -18.66
CA ARG B 130 0.00 12.97 -17.66
C ARG B 130 0.23 12.04 -16.48
N HIS B 131 -0.83 11.42 -15.96
CA HIS B 131 -0.67 10.49 -14.85
C HIS B 131 0.12 9.26 -15.26
N TRP B 132 -0.10 8.79 -16.50
CA TRP B 132 0.62 7.62 -17.00
C TRP B 132 2.13 7.88 -17.00
N VAL B 133 2.53 9.04 -17.53
CA VAL B 133 3.95 9.37 -17.61
C VAL B 133 4.53 9.64 -16.23
N GLU B 134 3.79 10.34 -15.38
CA GLU B 134 4.36 10.76 -14.11
C GLU B 134 4.46 9.62 -13.10
N HIS B 135 3.46 8.74 -13.06
CA HIS B 135 3.33 7.77 -11.99
C HIS B 135 3.45 6.32 -12.45
N HIS B 136 3.47 6.06 -13.76
CA HIS B 136 3.55 4.69 -14.27
C HIS B 136 4.51 4.63 -15.44
N PHE B 137 5.62 5.36 -15.33
CA PHE B 137 6.56 5.52 -16.43
C PHE B 137 7.24 4.22 -16.81
N TYR B 138 7.18 3.19 -15.95
CA TYR B 138 7.83 1.93 -16.27
C TYR B 138 7.34 1.35 -17.59
N ASP B 139 6.08 1.60 -17.98
CA ASP B 139 5.64 1.10 -19.29
C ASP B 139 6.53 1.62 -20.39
N PHE B 140 6.96 2.88 -20.29
CA PHE B 140 7.77 3.52 -21.32
C PHE B 140 9.24 3.16 -21.17
N GLU B 141 9.71 2.91 -19.95
CA GLU B 141 11.09 2.42 -19.78
C GLU B 141 11.27 1.06 -20.41
N ARG B 142 10.23 0.23 -20.40
CA ARG B 142 10.33 -1.14 -20.87
C ARG B 142 9.97 -1.28 -22.34
N ASP B 143 9.41 -0.25 -22.96
CA ASP B 143 8.99 -0.30 -24.36
C ASP B 143 9.30 1.07 -24.98
N ALA B 144 10.48 1.18 -25.59
CA ALA B 144 10.89 2.46 -26.17
C ALA B 144 9.96 2.93 -27.28
N TYR B 145 9.36 1.98 -28.02
CA TYR B 145 8.46 2.37 -29.09
C TYR B 145 7.16 2.96 -28.53
N LEU B 146 6.68 2.44 -27.40
CA LEU B 146 5.52 3.06 -26.76
C LEU B 146 5.81 4.51 -26.42
N LEU B 147 7.02 4.79 -25.93
CA LEU B 147 7.38 6.16 -25.58
C LEU B 147 7.40 7.05 -26.82
N GLN B 148 7.97 6.55 -27.92
CA GLN B 148 7.95 7.30 -29.17
C GLN B 148 6.53 7.66 -29.58
N ARG B 149 5.61 6.70 -29.49
CA ARG B 149 4.23 6.97 -29.88
C ARG B 149 3.58 8.02 -28.99
N MET B 150 3.84 7.95 -27.67
CA MET B 150 3.29 8.96 -26.78
C MET B 150 3.87 10.34 -27.09
N GLU B 151 5.18 10.43 -27.30
CA GLU B 151 5.79 11.72 -27.65
C GLU B 151 5.19 12.28 -28.92
N GLU B 152 4.97 11.43 -29.93
CA GLU B 152 4.39 11.87 -31.20
C GLU B 152 2.96 12.34 -31.02
N PHE B 153 2.15 11.58 -30.27
CA PHE B 153 0.77 11.98 -30.03
C PHE B 153 0.70 13.35 -29.36
N ILE B 154 1.38 13.49 -28.23
CA ILE B 154 1.33 14.74 -27.47
C ILE B 154 1.89 15.89 -28.31
N GLY B 155 3.02 15.65 -28.97
CA GLY B 155 3.67 16.70 -29.73
C GLY B 155 2.95 17.13 -30.98
N THR B 156 1.89 16.44 -31.38
CA THR B 156 1.13 16.85 -32.56
C THR B 156 -0.33 17.24 -32.26
N VAL B 157 -0.68 17.43 -30.98
CA VAL B 157 -2.00 17.99 -30.66
C VAL B 157 -2.02 19.47 -31.02
N ARG B 158 -2.97 19.87 -31.85
CA ARG B 158 -3.09 21.26 -32.30
C ARG B 158 -4.19 21.99 -31.54
N GLY B 159 -4.23 23.31 -31.72
CA GLY B 159 -5.36 24.05 -31.17
C GLY B 159 -5.11 24.59 -29.78
N LYS B 160 -5.60 25.80 -29.50
CA LYS B 160 -5.09 26.54 -28.35
C LYS B 160 -5.72 26.11 -27.03
N ALA B 161 -6.87 25.42 -27.04
CA ALA B 161 -7.49 25.08 -25.75
C ALA B 161 -6.61 24.12 -24.95
N MET B 162 -5.95 23.17 -25.63
CA MET B 162 -5.10 22.18 -24.96
C MET B 162 -3.64 22.61 -24.87
N LYS B 163 -3.26 23.75 -25.46
CA LYS B 163 -1.84 24.07 -25.68
C LYS B 163 -1.02 24.08 -24.39
N LYS B 164 -1.53 24.68 -23.32
CA LYS B 164 -0.75 24.76 -22.09
C LYS B 164 -0.39 23.38 -21.55
N TRP B 165 -1.34 22.43 -21.64
CA TRP B 165 -1.08 21.11 -21.08
C TRP B 165 -0.26 20.24 -22.03
N VAL B 166 -0.41 20.43 -23.34
CA VAL B 166 0.42 19.70 -24.30
C VAL B 166 1.89 20.11 -24.16
N GLU B 167 2.16 21.40 -24.05
CA GLU B 167 3.53 21.84 -23.89
C GLU B 167 4.11 21.38 -22.55
N SER B 168 3.28 21.38 -21.51
CA SER B 168 3.73 20.90 -20.20
C SER B 168 4.05 19.40 -20.25
N ILE B 169 3.15 18.60 -20.81
CA ILE B 169 3.36 17.16 -20.83
C ILE B 169 4.59 16.80 -21.66
N THR B 170 4.83 17.53 -22.76
CA THR B 170 6.05 17.32 -23.53
C THR B 170 7.29 17.50 -22.65
N LYS B 171 7.32 18.56 -21.84
CA LYS B 171 8.47 18.79 -20.97
C LYS B 171 8.57 17.72 -19.89
N ILE B 172 7.43 17.31 -19.32
CA ILE B 172 7.46 16.30 -18.26
C ILE B 172 8.04 14.99 -18.79
N ILE B 173 7.64 14.59 -19.99
CA ILE B 173 8.20 13.38 -20.59
C ILE B 173 9.71 13.51 -20.73
N GLN B 174 10.18 14.65 -21.25
CA GLN B 174 11.62 14.79 -21.46
C GLN B 174 12.37 14.75 -20.12
N ARG B 175 11.78 15.33 -19.06
N ARG B 175 11.79 15.32 -19.06
CA ARG B 175 12.39 15.26 -17.73
CA ARG B 175 12.44 15.24 -17.75
C ARG B 175 12.44 13.83 -17.21
C ARG B 175 12.45 13.82 -17.21
N LYS B 176 11.35 13.08 -17.39
CA LYS B 176 11.31 11.69 -16.90
C LYS B 176 12.33 10.81 -17.61
N LYS B 177 12.70 11.16 -18.85
CA LYS B 177 13.64 10.34 -19.59
C LYS B 177 15.04 10.40 -18.98
N ILE B 178 15.48 11.56 -18.51
CA ILE B 178 16.83 11.69 -17.99
C ILE B 178 16.88 11.64 -16.46
N ALA B 179 15.76 11.29 -15.82
CA ALA B 179 15.72 11.23 -14.37
C ALA B 179 16.07 9.83 -13.88
N ASN B 187 14.47 16.11 -2.05
CA ASN B 187 14.73 17.33 -1.28
C ASN B 187 13.58 17.60 -0.29
N ILE B 188 13.89 17.59 1.01
CA ILE B 188 12.89 17.50 2.07
C ILE B 188 13.07 18.67 3.03
N THR B 189 11.95 19.26 3.48
CA THR B 189 11.98 20.34 4.47
C THR B 189 11.06 20.00 5.64
N PHE B 190 11.47 20.37 6.86
CA PHE B 190 10.81 19.91 8.09
C PHE B 190 10.34 21.03 9.01
N GLN B 191 9.36 20.67 9.86
CA GLN B 191 8.87 21.55 10.92
C GLN B 191 9.88 21.79 12.03
N SER B 192 10.92 20.97 12.14
CA SER B 192 11.88 21.10 13.23
C SER B 192 13.21 20.47 12.80
N SER B 193 14.23 20.60 13.68
CA SER B 193 15.51 19.93 13.48
C SER B 193 15.45 18.49 14.02
N PRO B 194 16.13 17.56 13.38
CA PRO B 194 16.17 16.19 13.90
C PRO B 194 16.94 16.13 15.21
N PRO B 195 16.65 15.17 16.07
CA PRO B 195 17.36 15.08 17.35
C PRO B 195 18.82 14.72 17.14
N THR B 196 19.63 15.00 18.16
CA THR B 196 21.05 14.70 18.11
C THR B 196 21.28 13.19 18.09
N VAL B 197 22.24 12.76 17.26
CA VAL B 197 22.63 11.34 17.21
C VAL B 197 23.24 10.93 18.54
N GLU B 198 22.85 9.76 19.05
CA GLU B 198 23.26 9.28 20.36
C GLU B 198 24.35 8.21 20.24
N TRP B 199 25.32 8.27 21.15
CA TRP B 199 26.44 7.33 21.17
C TRP B 199 26.58 6.70 22.56
N HIS B 200 27.10 5.47 22.59
CA HIS B 200 27.23 4.68 23.81
C HIS B 200 28.70 4.27 23.90
N ILE B 201 29.00 2.97 23.89
CA ILE B 201 30.40 2.53 24.02
C ILE B 201 31.18 2.81 22.74
N SER B 202 30.64 2.40 21.59
CA SER B 202 31.26 2.74 20.31
C SER B 202 31.20 4.24 20.08
N ARG B 203 32.31 4.82 19.67
CA ARG B 203 32.36 6.26 19.43
C ARG B 203 32.37 6.56 17.93
N PRO B 204 32.04 7.78 17.51
CA PRO B 204 31.97 8.10 16.08
C PRO B 204 33.25 7.72 15.36
N GLY B 205 33.09 7.09 14.20
CA GLY B 205 34.21 6.67 13.38
C GLY B 205 34.84 5.34 13.74
N HIS B 206 34.42 4.71 14.82
CA HIS B 206 35.06 3.47 15.28
C HIS B 206 34.22 2.25 14.92
N ILE B 207 34.04 2.08 13.61
CA ILE B 207 33.08 1.13 13.07
C ILE B 207 33.45 -0.30 13.45
N GLU B 208 34.73 -0.56 13.71
CA GLU B 208 35.19 -1.90 14.05
C GLU B 208 34.64 -2.39 15.39
N THR B 209 34.18 -1.49 16.27
CA THR B 209 33.62 -1.88 17.56
C THR B 209 32.10 -1.95 17.55
N PHE B 210 31.45 -1.54 16.46
CA PHE B 210 29.99 -1.52 16.39
C PHE B 210 29.42 -2.91 16.63
N ASP B 211 28.40 -3.00 17.47
CA ASP B 211 27.73 -4.27 17.76
C ASP B 211 26.44 -3.95 18.49
N LEU B 212 25.65 -4.99 18.75
CA LEU B 212 24.36 -4.83 19.38
C LEU B 212 24.43 -4.07 20.70
N LEU B 213 25.42 -4.39 21.53
CA LEU B 213 25.48 -3.81 22.88
C LEU B 213 26.35 -2.56 22.98
N THR B 214 27.16 -2.26 21.96
CA THR B 214 28.07 -1.12 21.99
C THR B 214 27.52 0.13 21.29
N LEU B 215 26.67 -0.03 20.28
CA LEU B 215 25.93 1.11 19.76
C LEU B 215 24.83 1.49 20.76
N HIS B 216 24.39 2.75 20.71
CA HIS B 216 23.30 3.18 21.58
C HIS B 216 21.99 2.56 21.11
N PRO B 217 21.20 1.95 22.00
CA PRO B 217 19.95 1.33 21.52
C PRO B 217 19.00 2.31 20.87
N ILE B 218 18.96 3.57 21.31
CA ILE B 218 18.14 4.57 20.64
C ILE B 218 18.59 4.72 19.19
N GLU B 219 19.90 4.80 18.98
CA GLU B 219 20.41 5.06 17.65
C GLU B 219 20.32 3.84 16.75
N ILE B 220 20.46 2.63 17.32
CA ILE B 220 20.15 1.42 16.54
C ILE B 220 18.74 1.50 15.99
N ALA B 221 17.77 1.82 16.85
CA ALA B 221 16.38 1.85 16.39
C ALA B 221 16.16 2.97 15.36
N ARG B 222 16.79 4.14 15.57
CA ARG B 222 16.63 5.24 14.61
C ARG B 222 17.22 4.88 13.24
N GLN B 223 18.44 4.34 13.22
CA GLN B 223 19.09 4.09 11.94
C GLN B 223 18.43 2.92 11.22
N LEU B 224 17.98 1.89 11.96
CA LEU B 224 17.21 0.84 11.32
C LEU B 224 15.88 1.38 10.80
N THR B 225 15.28 2.34 11.51
CA THR B 225 14.00 2.90 11.02
C THR B 225 14.20 3.68 9.74
N LEU B 226 15.27 4.48 9.65
CA LEU B 226 15.56 5.18 8.39
C LEU B 226 15.78 4.18 7.25
N LEU B 227 16.55 3.12 7.51
CA LEU B 227 16.82 2.11 6.49
C LEU B 227 15.53 1.42 6.04
N GLU B 228 14.71 1.01 7.01
CA GLU B 228 13.48 0.27 6.71
C GLU B 228 12.43 1.17 6.08
N SER B 229 12.38 2.45 6.48
CA SER B 229 11.50 3.40 5.81
C SER B 229 11.90 3.59 4.35
N ASP B 230 13.19 3.77 4.08
CA ASP B 230 13.63 3.90 2.68
C ASP B 230 13.28 2.65 1.86
N LEU B 231 13.45 1.47 2.45
CA LEU B 231 13.10 0.23 1.74
C LEU B 231 11.60 0.16 1.48
N TYR B 232 10.79 0.55 2.47
CA TYR B 232 9.33 0.55 2.30
C TYR B 232 8.91 1.52 1.20
N ARG B 233 9.49 2.72 1.20
CA ARG B 233 9.11 3.77 0.27
C ARG B 233 9.51 3.45 -1.17
N ALA B 234 10.47 2.55 -1.36
CA ALA B 234 10.95 2.26 -2.71
C ALA B 234 10.09 1.27 -3.48
N VAL B 235 9.13 0.60 -2.84
CA VAL B 235 8.36 -0.45 -3.52
C VAL B 235 7.28 0.20 -4.38
N GLN B 236 7.28 -0.10 -5.67
CA GLN B 236 6.28 0.46 -6.58
C GLN B 236 5.16 -0.53 -6.86
N PRO B 237 3.98 -0.05 -7.27
CA PRO B 237 2.88 -0.98 -7.54
C PRO B 237 3.19 -1.99 -8.63
N SER B 238 4.07 -1.66 -9.57
CA SER B 238 4.48 -2.60 -10.61
C SER B 238 5.08 -3.87 -10.04
N GLU B 239 5.59 -3.84 -8.81
N GLU B 239 5.59 -3.84 -8.82
CA GLU B 239 6.14 -5.02 -8.17
CA GLU B 239 6.15 -5.03 -8.19
C GLU B 239 5.08 -5.89 -7.52
C GLU B 239 5.08 -5.88 -7.51
N LEU B 240 3.83 -5.43 -7.50
CA LEU B 240 2.75 -6.07 -6.75
C LEU B 240 1.62 -6.57 -7.63
N VAL B 241 1.18 -5.77 -8.61
CA VAL B 241 0.02 -6.18 -9.39
C VAL B 241 0.35 -7.45 -10.19
N GLY B 242 -0.65 -8.31 -10.34
CA GLY B 242 -0.40 -9.59 -10.98
C GLY B 242 0.32 -10.59 -10.12
N SER B 243 0.49 -10.33 -8.81
CA SER B 243 1.15 -11.23 -7.87
C SER B 243 2.55 -11.61 -8.32
N VAL B 244 3.25 -10.67 -8.98
CA VAL B 244 4.48 -11.03 -9.67
C VAL B 244 5.61 -11.36 -8.71
N TRP B 245 5.53 -10.96 -7.44
CA TRP B 245 6.61 -11.26 -6.49
C TRP B 245 6.58 -12.72 -6.05
N THR B 246 5.53 -13.47 -6.43
CA THR B 246 5.45 -14.90 -6.13
C THR B 246 5.81 -15.78 -7.32
N LYS B 247 6.00 -15.20 -8.50
CA LYS B 247 6.13 -15.96 -9.74
C LYS B 247 7.61 -16.18 -10.10
N GLU B 248 7.84 -16.94 -11.17
CA GLU B 248 9.20 -17.37 -11.51
C GLU B 248 10.14 -16.20 -11.79
N ASP B 249 9.63 -15.10 -12.32
CA ASP B 249 10.46 -13.94 -12.62
C ASP B 249 10.46 -12.90 -11.48
N LYS B 250 10.20 -13.31 -10.24
CA LYS B 250 10.09 -12.35 -9.13
C LYS B 250 11.33 -11.49 -8.96
N GLU B 251 12.54 -12.02 -9.23
CA GLU B 251 13.73 -11.21 -9.01
C GLU B 251 13.81 -10.08 -10.02
N ILE B 252 13.22 -10.27 -11.21
CA ILE B 252 13.20 -9.25 -12.24
C ILE B 252 12.11 -8.23 -11.95
N ASN B 253 10.93 -8.70 -11.55
CA ASN B 253 9.75 -7.84 -11.48
C ASN B 253 9.55 -7.19 -10.12
N SER B 254 10.12 -7.76 -9.04
CA SER B 254 9.87 -7.24 -7.70
C SER B 254 11.15 -7.02 -6.87
N PRO B 255 12.20 -6.40 -7.47
CA PRO B 255 13.48 -6.33 -6.75
C PRO B 255 13.45 -5.47 -5.50
N ASN B 256 12.73 -4.35 -5.49
CA ASN B 256 12.72 -3.53 -4.27
C ASN B 256 11.92 -4.20 -3.17
N LEU B 257 10.80 -4.84 -3.50
CA LEU B 257 10.06 -5.58 -2.49
C LEU B 257 10.94 -6.67 -1.88
N LEU B 258 11.62 -7.45 -2.72
CA LEU B 258 12.43 -8.55 -2.19
C LEU B 258 13.61 -8.03 -1.36
N LYS B 259 14.22 -6.91 -1.77
N LYS B 259 14.23 -6.92 -1.78
CA LYS B 259 15.28 -6.32 -0.95
CA LYS B 259 15.28 -6.33 -0.94
C LYS B 259 14.73 -5.93 0.42
C LYS B 259 14.73 -5.95 0.43
N MET B 260 13.51 -5.40 0.47
CA MET B 260 12.91 -5.02 1.74
C MET B 260 12.67 -6.23 2.63
N ILE B 261 12.11 -7.30 2.06
CA ILE B 261 11.82 -8.50 2.85
C ILE B 261 13.13 -9.14 3.32
N ARG B 262 14.14 -9.18 2.45
CA ARG B 262 15.39 -9.84 2.83
C ARG B 262 16.10 -9.07 3.94
N HIS B 263 15.98 -7.74 3.96
CA HIS B 263 16.48 -6.98 5.11
C HIS B 263 15.78 -7.40 6.40
N THR B 264 14.44 -7.45 6.38
CA THR B 264 13.69 -7.85 7.55
C THR B 264 14.11 -9.24 8.04
N THR B 265 14.25 -10.17 7.10
CA THR B 265 14.67 -11.53 7.48
C THR B 265 16.06 -11.52 8.09
N ASN B 266 16.99 -10.79 7.48
CA ASN B 266 18.36 -10.75 7.99
C ASN B 266 18.42 -10.14 9.39
N LEU B 267 17.65 -9.09 9.66
CA LEU B 267 17.70 -8.49 11.00
C LEU B 267 17.11 -9.45 12.04
N THR B 268 16.02 -10.13 11.69
CA THR B 268 15.45 -11.11 12.62
C THR B 268 16.47 -12.18 12.95
N LEU B 269 17.14 -12.73 11.92
CA LEU B 269 18.14 -13.77 12.16
C LEU B 269 19.34 -13.23 12.93
N TRP B 270 19.72 -11.96 12.72
CA TRP B 270 20.81 -11.38 13.51
C TRP B 270 20.43 -11.30 14.98
N PHE B 271 19.19 -10.88 15.27
CA PHE B 271 18.74 -10.86 16.66
C PHE B 271 18.84 -12.26 17.27
N GLU B 272 18.33 -13.27 16.56
CA GLU B 272 18.41 -14.65 17.07
C GLU B 272 19.86 -15.06 17.30
N LYS B 273 20.74 -14.74 16.35
CA LYS B 273 22.13 -15.15 16.47
C LYS B 273 22.83 -14.45 17.65
N CYS B 274 22.56 -13.16 17.84
CA CYS B 274 23.12 -12.46 19.00
C CYS B 274 22.71 -13.13 20.30
N ILE B 275 21.45 -13.59 20.38
CA ILE B 275 20.94 -14.19 21.61
C ILE B 275 21.59 -15.55 21.86
N VAL B 276 21.50 -16.48 20.89
CA VAL B 276 21.93 -17.85 21.19
C VAL B 276 23.45 -18.01 21.17
N GLU B 277 24.20 -17.11 20.53
CA GLU B 277 25.66 -17.19 20.62
C GLU B 277 26.21 -16.54 21.89
N THR B 278 25.35 -15.95 22.71
CA THR B 278 25.74 -15.45 24.02
C THR B 278 25.45 -16.56 25.02
N GLU B 279 26.47 -17.37 25.31
CA GLU B 279 26.25 -18.59 26.10
C GLU B 279 26.10 -18.34 27.59
N ASN B 280 26.79 -17.34 28.14
CA ASN B 280 26.64 -16.99 29.55
C ASN B 280 25.22 -16.46 29.81
N LEU B 281 24.54 -17.00 30.83
CA LEU B 281 23.14 -16.65 31.09
C LEU B 281 22.97 -15.17 31.39
N GLU B 282 23.79 -14.63 32.30
CA GLU B 282 23.66 -13.22 32.66
C GLU B 282 23.86 -12.32 31.45
N GLU B 283 24.87 -12.62 30.63
CA GLU B 283 25.09 -11.82 29.43
C GLU B 283 23.93 -11.95 28.45
N ARG B 284 23.35 -13.15 28.33
CA ARG B 284 22.26 -13.35 27.37
C ARG B 284 21.00 -12.61 27.82
N VAL B 285 20.76 -12.53 29.12
CA VAL B 285 19.69 -11.69 29.64
C VAL B 285 19.89 -10.24 29.23
N ALA B 286 21.14 -9.74 29.31
CA ALA B 286 21.41 -8.37 28.89
C ALA B 286 21.15 -8.18 27.41
N VAL B 287 21.49 -9.18 26.59
CA VAL B 287 21.24 -9.10 25.15
C VAL B 287 19.74 -9.05 24.85
N VAL B 288 18.97 -9.95 25.46
CA VAL B 288 17.53 -9.97 25.21
C VAL B 288 16.89 -8.66 25.69
N SER B 289 17.29 -8.20 26.88
N SER B 289 17.28 -8.21 26.89
CA SER B 289 16.79 -6.94 27.41
CA SER B 289 16.78 -6.93 27.40
C SER B 289 17.09 -5.77 26.48
C SER B 289 17.08 -5.79 26.44
N ARG B 290 18.29 -5.76 25.87
CA ARG B 290 18.64 -4.68 24.95
C ARG B 290 17.76 -4.73 23.70
N ILE B 291 17.46 -5.93 23.20
CA ILE B 291 16.64 -6.04 22.00
C ILE B 291 15.21 -5.56 22.31
N ILE B 292 14.70 -5.84 23.51
CA ILE B 292 13.37 -5.33 23.87
C ILE B 292 13.39 -3.81 24.01
N GLU B 293 14.51 -3.22 24.45
CA GLU B 293 14.60 -1.76 24.45
C GLU B 293 14.58 -1.19 23.03
N ILE B 294 15.25 -1.86 22.10
CA ILE B 294 15.18 -1.43 20.70
C ILE B 294 13.74 -1.52 20.21
N LEU B 295 13.03 -2.58 20.60
N LEU B 295 13.04 -2.60 20.58
CA LEU B 295 11.62 -2.71 20.23
CA LEU B 295 11.62 -2.72 20.27
C LEU B 295 10.79 -1.55 20.79
C LEU B 295 10.85 -1.51 20.77
N GLN B 296 11.09 -1.12 22.02
CA GLN B 296 10.37 0.02 22.60
C GLN B 296 10.55 1.29 21.76
N VAL B 297 11.76 1.52 21.24
CA VAL B 297 11.98 2.71 20.43
C VAL B 297 11.33 2.55 19.05
N PHE B 298 11.38 1.34 18.47
CA PHE B 298 10.60 1.07 17.26
C PHE B 298 9.13 1.45 17.44
N GLN B 299 8.54 1.04 18.58
CA GLN B 299 7.14 1.40 18.85
C GLN B 299 6.95 2.90 18.88
N GLU B 300 7.85 3.61 19.56
CA GLU B 300 7.74 5.08 19.66
C GLU B 300 7.83 5.73 18.29
N LEU B 301 8.60 5.15 17.38
CA LEU B 301 8.78 5.67 16.03
C LEU B 301 7.73 5.18 15.04
N ASN B 302 6.75 4.38 15.48
CA ASN B 302 5.77 3.75 14.57
C ASN B 302 6.45 2.91 13.50
N ASN B 303 7.60 2.31 13.81
CA ASN B 303 8.23 1.37 12.87
C ASN B 303 7.69 -0.01 13.17
N PHE B 304 6.56 -0.35 12.55
CA PHE B 304 5.92 -1.63 12.83
C PHE B 304 6.68 -2.79 12.19
N ASN B 305 7.34 -2.54 11.06
CA ASN B 305 8.22 -3.57 10.51
C ASN B 305 9.29 -3.96 11.53
N GLY B 306 9.91 -2.95 12.16
CA GLY B 306 10.90 -3.22 13.20
C GLY B 306 10.33 -3.93 14.40
N VAL B 307 9.15 -3.49 14.87
CA VAL B 307 8.49 -4.19 15.97
C VAL B 307 8.35 -5.68 15.65
N LEU B 308 7.86 -6.00 14.45
CA LEU B 308 7.62 -7.40 14.17
C LEU B 308 8.90 -8.17 13.89
N GLU B 309 9.96 -7.49 13.43
CA GLU B 309 11.28 -8.12 13.32
C GLU B 309 11.70 -8.68 14.67
N VAL B 310 11.51 -7.89 15.73
CA VAL B 310 11.88 -8.33 17.07
C VAL B 310 10.95 -9.43 17.55
N VAL B 311 9.64 -9.23 17.40
CA VAL B 311 8.68 -10.24 17.85
C VAL B 311 8.94 -11.58 17.14
N SER B 312 9.19 -11.55 15.82
CA SER B 312 9.50 -12.79 15.10
C SER B 312 10.73 -13.46 15.69
N ALA B 313 11.75 -12.69 16.06
CA ALA B 313 12.95 -13.30 16.64
C ALA B 313 12.64 -13.95 17.99
N MET B 314 11.84 -13.27 18.82
CA MET B 314 11.53 -13.78 20.15
C MET B 314 10.64 -15.01 20.09
N ASN B 315 9.85 -15.16 19.03
N ASN B 315 9.88 -15.19 19.01
CA ASN B 315 8.99 -16.33 18.83
CA ASN B 315 9.03 -16.36 18.90
C ASN B 315 9.64 -17.45 18.05
C ASN B 315 9.62 -17.42 17.98
N SER B 316 10.88 -17.27 17.58
CA SER B 316 11.54 -18.30 16.79
C SER B 316 11.82 -19.52 17.66
N SER B 317 11.91 -20.69 17.02
CA SER B 317 12.20 -21.91 17.78
C SER B 317 13.43 -21.80 18.68
N PRO B 318 14.58 -21.25 18.23
CA PRO B 318 15.74 -21.21 19.15
C PRO B 318 15.56 -20.29 20.33
N VAL B 319 14.81 -19.20 20.20
CA VAL B 319 14.74 -18.21 21.28
C VAL B 319 13.55 -18.48 22.21
N TYR B 320 12.42 -18.87 21.63
CA TYR B 320 11.19 -19.03 22.41
C TYR B 320 11.36 -19.99 23.58
N ARG B 321 12.22 -20.99 23.43
CA ARG B 321 12.37 -22.04 24.44
C ARG B 321 13.34 -21.68 25.57
N LEU B 322 13.91 -20.46 25.57
CA LEU B 322 14.94 -20.09 26.55
C LEU B 322 14.31 -19.59 27.85
N ASP B 323 13.62 -20.51 28.55
CA ASP B 323 12.87 -20.14 29.75
C ASP B 323 13.75 -19.52 30.84
N HIS B 324 14.99 -20.01 31.00
CA HIS B 324 15.85 -19.45 32.04
C HIS B 324 16.21 -17.99 31.76
N THR B 325 16.30 -17.64 30.48
CA THR B 325 16.62 -16.27 30.08
C THR B 325 15.42 -15.36 30.33
N PHE B 326 14.25 -15.74 29.83
CA PHE B 326 13.10 -14.84 29.96
C PHE B 326 12.62 -14.75 31.39
N GLU B 327 12.95 -15.73 32.23
CA GLU B 327 12.59 -15.64 33.64
C GLU B 327 13.26 -14.45 34.33
N GLN B 328 14.42 -14.03 33.85
N GLN B 328 14.44 -14.04 33.85
CA GLN B 328 15.15 -12.94 34.50
CA GLN B 328 15.20 -12.96 34.48
C GLN B 328 14.90 -11.58 33.88
C GLN B 328 14.99 -11.61 33.80
N ILE B 329 14.14 -11.53 32.79
CA ILE B 329 13.83 -10.24 32.17
C ILE B 329 12.93 -9.43 33.09
N PRO B 330 13.18 -8.13 33.30
CA PRO B 330 12.31 -7.34 34.17
C PRO B 330 10.85 -7.40 33.73
N SER B 331 9.95 -7.37 34.72
N SER B 331 9.95 -7.22 34.71
N SER B 331 9.95 -7.30 34.70
CA SER B 331 8.53 -7.59 34.43
CA SER B 331 8.52 -7.26 34.45
CA SER B 331 8.52 -7.30 34.41
C SER B 331 7.99 -6.58 33.43
C SER B 331 8.10 -6.20 33.44
C SER B 331 8.16 -6.07 33.57
N ARG B 332 8.45 -5.33 33.51
N ARG B 332 8.65 -4.99 33.54
CA ARG B 332 7.96 -4.31 32.60
CA ARG B 332 8.24 -3.93 32.61
C ARG B 332 8.35 -4.62 31.16
C ARG B 332 8.59 -4.26 31.17
N GLN B 333 9.56 -5.14 30.95
CA GLN B 333 9.98 -5.52 29.61
C GLN B 333 9.20 -6.72 29.11
N LYS B 334 8.85 -7.65 30.00
CA LYS B 334 7.93 -8.71 29.64
C LYS B 334 6.62 -8.13 29.12
N LYS B 335 6.14 -7.07 29.75
CA LYS B 335 4.87 -6.48 29.34
C LYS B 335 5.00 -5.80 27.97
N ILE B 336 6.12 -5.11 27.75
CA ILE B 336 6.37 -4.50 26.43
C ILE B 336 6.35 -5.57 25.33
N LEU B 337 7.05 -6.68 25.57
CA LEU B 337 7.11 -7.73 24.56
C LEU B 337 5.74 -8.37 24.37
N GLU B 338 4.99 -8.58 25.46
CA GLU B 338 3.67 -9.19 25.34
C GLU B 338 2.72 -8.31 24.53
N GLU B 339 2.72 -7.00 24.78
N GLU B 339 2.69 -7.00 24.84
CA GLU B 339 1.79 -6.15 24.04
CA GLU B 339 1.87 -6.08 24.06
C GLU B 339 2.21 -6.02 22.57
C GLU B 339 2.21 -6.16 22.59
N ALA B 340 3.51 -6.15 22.27
CA ALA B 340 3.93 -6.21 20.86
C ALA B 340 3.50 -7.51 20.20
N HIS B 341 3.65 -8.64 20.90
CA HIS B 341 3.15 -9.91 20.38
C HIS B 341 1.64 -9.85 20.11
N GLU B 342 0.89 -9.18 21.00
CA GLU B 342 -0.56 -9.13 20.84
C GLU B 342 -0.99 -8.38 19.59
N LEU B 343 -0.13 -7.53 19.02
CA LEU B 343 -0.48 -6.87 17.75
C LEU B 343 -0.77 -7.88 16.65
N SER B 344 -0.10 -9.03 16.64
CA SER B 344 -0.23 -9.98 15.56
C SER B 344 -1.34 -11.00 15.79
N GLU B 345 -1.84 -11.12 17.01
CA GLU B 345 -2.86 -12.10 17.33
C GLU B 345 -4.16 -11.82 16.58
N ASP B 346 -4.99 -12.87 16.46
CA ASP B 346 -6.29 -12.77 15.79
C ASP B 346 -6.16 -12.11 14.43
N HIS B 347 -5.21 -12.61 13.63
CA HIS B 347 -5.02 -12.15 12.25
C HIS B 347 -4.72 -10.65 12.21
N TYR B 348 -3.81 -10.22 13.10
CA TYR B 348 -3.28 -8.85 13.15
C TYR B 348 -4.35 -7.82 13.51
N LYS B 349 -5.38 -8.23 14.26
CA LYS B 349 -6.47 -7.32 14.56
C LYS B 349 -5.97 -6.03 15.21
N LYS B 350 -5.13 -6.14 16.26
CA LYS B 350 -4.70 -4.93 16.96
C LYS B 350 -3.67 -4.14 16.15
N TYR B 351 -2.83 -4.82 15.38
CA TYR B 351 -1.93 -4.12 14.48
C TYR B 351 -2.70 -3.24 13.49
N LEU B 352 -3.72 -3.81 12.84
CA LEU B 352 -4.45 -3.04 11.83
C LEU B 352 -5.10 -1.82 12.46
N ALA B 353 -5.67 -1.97 13.65
CA ALA B 353 -6.29 -0.84 14.32
C ALA B 353 -5.24 0.20 14.73
N LYS B 354 -4.06 -0.25 15.16
CA LYS B 354 -3.03 0.70 15.59
C LYS B 354 -2.49 1.47 14.40
N LEU B 355 -2.22 0.78 13.28
CA LEU B 355 -1.72 1.46 12.09
C LEU B 355 -2.65 2.57 11.65
N ARG B 356 -3.96 2.33 11.71
CA ARG B 356 -4.97 3.28 11.28
C ARG B 356 -5.22 4.38 12.30
N SER B 357 -4.59 4.31 13.47
CA SER B 357 -4.78 5.33 14.49
C SER B 357 -3.58 6.26 14.68
N ILE B 358 -2.37 5.86 14.28
CA ILE B 358 -1.19 6.65 14.63
C ILE B 358 -1.03 7.87 13.72
N ASN B 359 -0.12 8.75 14.11
CA ASN B 359 0.25 9.89 13.30
C ASN B 359 1.52 9.55 12.53
N PRO B 360 1.49 9.47 11.20
CA PRO B 360 2.70 9.14 10.45
C PRO B 360 3.76 10.22 10.66
N PRO B 361 5.03 9.94 10.33
CA PRO B 361 5.54 8.79 9.58
C PRO B 361 5.49 7.46 10.32
N CYS B 362 5.36 6.38 9.55
CA CYS B 362 5.41 5.03 10.09
C CYS B 362 6.05 4.12 9.05
N VAL B 363 6.40 2.92 9.46
CA VAL B 363 6.82 1.87 8.54
C VAL B 363 5.89 0.68 8.72
N PRO B 364 4.94 0.50 7.81
CA PRO B 364 4.03 -0.64 7.92
C PRO B 364 4.75 -1.97 7.75
N PHE B 365 4.13 -3.03 8.29
CA PHE B 365 4.52 -4.39 7.94
C PHE B 365 3.91 -4.74 6.57
N PHE B 366 4.75 -5.10 5.60
CA PHE B 366 4.26 -5.30 4.23
C PHE B 366 3.53 -6.64 4.05
N GLY B 367 3.80 -7.64 4.88
CA GLY B 367 3.29 -8.97 4.61
C GLY B 367 1.79 -9.07 4.47
N ILE B 368 1.05 -8.30 5.28
CA ILE B 368 -0.41 -8.35 5.22
C ILE B 368 -0.90 -7.86 3.87
N TYR B 369 -0.29 -6.79 3.36
CA TYR B 369 -0.66 -6.28 2.04
C TYR B 369 -0.44 -7.34 0.96
N LEU B 370 0.67 -8.07 1.04
CA LEU B 370 0.97 -9.08 0.03
C LEU B 370 -0.06 -10.19 0.05
N THR B 371 -0.40 -10.68 1.24
CA THR B 371 -1.42 -11.72 1.32
C THR B 371 -2.77 -11.22 0.78
N ASN B 372 -3.15 -9.97 1.10
CA ASN B 372 -4.44 -9.49 0.64
C ASN B 372 -4.47 -9.25 -0.87
N ILE B 373 -3.36 -8.78 -1.46
CA ILE B 373 -3.33 -8.62 -2.92
C ILE B 373 -3.40 -9.99 -3.60
N LEU B 374 -2.60 -10.94 -3.12
N LEU B 374 -2.59 -10.94 -3.13
CA LEU B 374 -2.58 -12.27 -3.73
CA LEU B 374 -2.58 -12.27 -3.74
C LEU B 374 -3.94 -12.94 -3.67
C LEU B 374 -3.97 -12.91 -3.68
N LYS B 375 -4.61 -12.87 -2.52
CA LYS B 375 -5.90 -13.54 -2.37
C LYS B 375 -7.00 -12.83 -3.13
N THR B 376 -6.92 -11.49 -3.23
CA THR B 376 -7.88 -10.77 -4.08
C THR B 376 -7.72 -11.19 -5.55
N GLU B 377 -6.47 -11.33 -6.01
N GLU B 377 -6.47 -11.37 -6.00
CA GLU B 377 -6.24 -11.77 -7.39
CA GLU B 377 -6.28 -11.74 -7.40
C GLU B 377 -6.74 -13.19 -7.60
C GLU B 377 -6.61 -13.20 -7.66
N GLU B 378 -6.41 -14.08 -6.67
CA GLU B 378 -6.70 -15.50 -6.86
C GLU B 378 -8.17 -15.82 -6.65
N GLY B 379 -8.87 -15.04 -5.83
CA GLY B 379 -10.22 -15.34 -5.43
C GLY B 379 -11.33 -14.68 -6.20
N ASN B 380 -10.99 -13.92 -7.26
CA ASN B 380 -11.98 -13.24 -8.08
C ASN B 380 -11.69 -13.49 -9.56
N PRO B 381 -12.74 -13.63 -10.38
CA PRO B 381 -12.52 -13.93 -11.81
C PRO B 381 -12.13 -12.69 -12.59
N GLU B 382 -11.34 -12.92 -13.65
CA GLU B 382 -10.92 -11.84 -14.53
C GLU B 382 -12.10 -11.23 -15.28
N VAL B 383 -13.09 -12.04 -15.66
CA VAL B 383 -14.22 -11.54 -16.43
C VAL B 383 -15.52 -11.98 -15.77
N LEU B 384 -16.58 -11.22 -16.07
CA LEU B 384 -17.94 -11.61 -15.74
C LEU B 384 -18.68 -11.87 -17.06
N LYS B 385 -19.43 -12.96 -17.11
CA LYS B 385 -20.19 -13.31 -18.31
C LYS B 385 -21.63 -12.84 -18.16
N ARG B 386 -22.06 -11.98 -19.08
CA ARG B 386 -23.39 -11.37 -19.00
C ARG B 386 -23.95 -11.28 -20.40
N HIS B 387 -25.14 -11.86 -20.61
CA HIS B 387 -25.87 -11.72 -21.87
C HIS B 387 -25.02 -12.20 -23.05
N GLY B 388 -24.25 -13.26 -22.84
CA GLY B 388 -23.37 -13.78 -23.87
C GLY B 388 -22.07 -13.02 -24.07
N LYS B 389 -21.84 -11.94 -23.34
CA LYS B 389 -20.63 -11.14 -23.49
C LYS B 389 -19.69 -11.38 -22.32
N GLU B 390 -18.40 -11.18 -22.56
CA GLU B 390 -17.43 -11.23 -21.47
C GLU B 390 -17.06 -9.78 -21.13
N LEU B 391 -17.33 -9.39 -19.90
CA LEU B 391 -17.02 -8.05 -19.41
C LEU B 391 -15.84 -8.13 -18.45
N ILE B 392 -14.94 -7.14 -18.53
CA ILE B 392 -13.84 -7.07 -17.58
C ILE B 392 -14.39 -6.86 -16.18
N ASN B 393 -13.96 -7.72 -15.24
CA ASN B 393 -14.38 -7.58 -13.84
C ASN B 393 -13.57 -6.45 -13.22
N PHE B 394 -14.11 -5.23 -13.25
CA PHE B 394 -13.31 -4.11 -12.75
C PHE B 394 -13.33 -4.00 -11.22
N SER B 395 -14.39 -4.50 -10.57
N SER B 395 -14.39 -4.50 -10.57
N SER B 395 -14.37 -4.51 -10.55
CA SER B 395 -14.43 -4.50 -9.11
CA SER B 395 -14.44 -4.51 -9.12
CA SER B 395 -14.39 -4.44 -9.09
C SER B 395 -13.19 -5.17 -8.52
C SER B 395 -13.21 -5.17 -8.52
C SER B 395 -13.25 -5.24 -8.45
N LYS B 396 -12.74 -6.25 -9.14
CA LYS B 396 -11.55 -6.94 -8.66
C LYS B 396 -10.32 -6.05 -8.73
N ARG B 397 -10.19 -5.29 -9.82
CA ARG B 397 -9.06 -4.37 -9.96
C ARG B 397 -9.17 -3.21 -8.97
N ARG B 398 -10.38 -2.72 -8.73
CA ARG B 398 -10.55 -1.67 -7.72
C ARG B 398 -10.08 -2.14 -6.35
N LYS B 399 -10.38 -3.40 -5.99
CA LYS B 399 -9.95 -3.93 -4.70
C LYS B 399 -8.42 -3.98 -4.59
N VAL B 400 -7.74 -4.44 -5.66
CA VAL B 400 -6.28 -4.43 -5.65
C VAL B 400 -5.74 -3.01 -5.50
N ALA B 401 -6.32 -2.06 -6.23
CA ALA B 401 -5.81 -0.69 -6.17
C ALA B 401 -6.16 0.00 -4.85
N GLU B 402 -7.17 -0.46 -4.13
CA GLU B 402 -7.38 0.07 -2.78
C GLU B 402 -6.21 -0.29 -1.88
N ILE B 403 -5.66 -1.50 -2.07
CA ILE B 403 -4.51 -1.92 -1.27
C ILE B 403 -3.26 -1.17 -1.69
N THR B 404 -2.99 -1.06 -3.01
CA THR B 404 -1.81 -0.32 -3.42
C THR B 404 -1.94 1.16 -3.06
N GLY B 405 -3.15 1.70 -3.01
CA GLY B 405 -3.34 3.07 -2.58
C GLY B 405 -3.02 3.27 -1.10
N GLU B 406 -3.38 2.29 -0.27
N GLU B 406 -3.39 2.30 -0.26
CA GLU B 406 -3.06 2.36 1.16
CA GLU B 406 -3.04 2.39 1.14
C GLU B 406 -1.56 2.27 1.37
C GLU B 406 -1.53 2.34 1.32
N ILE B 407 -0.87 1.42 0.61
CA ILE B 407 0.59 1.35 0.66
C ILE B 407 1.20 2.71 0.33
N GLN B 408 0.76 3.29 -0.79
CA GLN B 408 1.33 4.57 -1.23
C GLN B 408 1.08 5.69 -0.23
N GLN B 409 -0.08 5.67 0.44
CA GLN B 409 -0.37 6.76 1.38
C GLN B 409 0.66 6.80 2.49
N TYR B 410 1.14 5.64 2.97
CA TYR B 410 2.16 5.63 4.02
C TYR B 410 3.58 5.83 3.48
N GLN B 411 3.76 5.86 2.15
CA GLN B 411 5.09 6.12 1.58
C GLN B 411 5.40 7.61 1.47
N ASN B 412 4.46 8.49 1.79
CA ASN B 412 4.67 9.91 1.50
C ASN B 412 5.48 10.61 2.58
N GLN B 413 5.27 10.26 3.85
CA GLN B 413 5.77 11.05 4.99
C GLN B 413 7.19 10.65 5.36
N PRO B 414 8.16 11.57 5.32
CA PRO B 414 9.54 11.22 5.68
C PRO B 414 9.81 11.38 7.17
N TYR B 415 10.78 10.59 7.66
CA TYR B 415 11.19 10.70 9.07
C TYR B 415 12.14 11.86 9.28
N CYS B 416 11.91 12.60 10.36
CA CYS B 416 12.81 13.70 10.76
C CYS B 416 13.89 13.14 11.70
N LEU B 417 14.80 12.37 11.11
CA LEU B 417 15.92 11.75 11.81
C LEU B 417 17.14 11.88 10.94
N ARG B 418 18.30 12.13 11.56
CA ARG B 418 19.54 12.30 10.82
C ARG B 418 20.22 10.95 10.56
N VAL B 419 20.67 10.75 9.31
CA VAL B 419 21.43 9.54 8.97
C VAL B 419 22.81 9.61 9.62
N GLU B 420 23.26 8.48 10.16
CA GLU B 420 24.65 8.28 10.57
C GLU B 420 25.24 7.27 9.58
N SER B 421 26.15 7.74 8.71
N SER B 421 26.14 7.73 8.71
CA SER B 421 26.55 6.94 7.56
CA SER B 421 26.53 6.93 7.55
C SER B 421 27.23 5.64 7.96
C SER B 421 27.23 5.63 7.96
N ASP B 422 28.04 5.67 9.02
CA ASP B 422 28.73 4.45 9.46
C ASP B 422 27.77 3.44 10.10
N ILE B 423 26.82 3.90 10.92
CA ILE B 423 25.84 2.97 11.48
C ILE B 423 24.95 2.42 10.38
N LYS B 424 24.56 3.27 9.43
N LYS B 424 24.56 3.27 9.43
CA LYS B 424 23.79 2.81 8.28
CA LYS B 424 23.79 2.83 8.27
C LYS B 424 24.53 1.71 7.53
C LYS B 424 24.53 1.72 7.53
N ARG B 425 25.81 1.93 7.24
CA ARG B 425 26.61 0.93 6.53
C ARG B 425 26.71 -0.37 7.31
N PHE B 426 26.89 -0.27 8.64
CA PHE B 426 26.94 -1.47 9.48
C PHE B 426 25.69 -2.33 9.30
N PHE B 427 24.51 -1.70 9.33
CA PHE B 427 23.30 -2.50 9.20
C PHE B 427 23.03 -2.92 7.76
N GLU B 428 23.48 -2.13 6.78
CA GLU B 428 23.33 -2.58 5.39
C GLU B 428 24.19 -3.80 5.10
N ASN B 429 25.34 -3.94 5.75
CA ASN B 429 26.26 -5.02 5.50
C ASN B 429 26.07 -6.23 6.42
N LEU B 430 25.10 -6.17 7.34
CA LEU B 430 24.84 -7.29 8.24
C LEU B 430 24.57 -8.56 7.45
N ASN B 431 25.20 -9.67 7.85
CA ASN B 431 25.06 -10.93 7.11
C ASN B 431 25.20 -12.10 8.08
N PRO B 432 24.21 -12.31 8.94
CA PRO B 432 24.35 -13.35 9.98
C PRO B 432 24.55 -14.75 9.42
N MET B 433 23.98 -15.07 8.27
CA MET B 433 24.11 -16.43 7.73
C MET B 433 25.48 -16.68 7.12
N GLY B 434 26.26 -15.64 6.81
CA GLY B 434 27.55 -15.90 6.18
C GLY B 434 27.35 -16.59 4.84
N ASN B 435 28.20 -17.59 4.56
CA ASN B 435 28.06 -18.38 3.35
C ASN B 435 27.16 -19.61 3.53
N SER B 436 26.53 -19.76 4.70
CA SER B 436 25.74 -20.95 4.97
C SER B 436 24.38 -20.87 4.28
N MET B 437 23.86 -22.03 3.88
CA MET B 437 22.49 -22.11 3.39
C MET B 437 21.51 -22.01 4.57
N GLU B 438 20.24 -21.74 4.24
CA GLU B 438 19.25 -21.45 5.26
C GLU B 438 19.08 -22.59 6.25
N LYS B 439 18.89 -23.82 5.75
CA LYS B 439 18.61 -24.93 6.67
C LYS B 439 19.79 -25.18 7.60
N GLU B 440 20.99 -25.23 7.03
N GLU B 440 21.01 -25.13 7.06
CA GLU B 440 22.24 -25.29 7.78
CA GLU B 440 22.18 -25.37 7.90
C GLU B 440 22.25 -24.28 8.92
C GLU B 440 22.39 -24.26 8.92
N PHE B 441 22.00 -23.02 8.59
CA PHE B 441 22.11 -21.95 9.57
C PHE B 441 21.02 -22.05 10.64
N THR B 442 19.76 -22.30 10.25
CA THR B 442 18.74 -22.34 11.29
C THR B 442 18.88 -23.58 12.16
N ASP B 443 19.41 -24.68 11.61
CA ASP B 443 19.75 -25.82 12.46
C ASP B 443 20.87 -25.46 13.43
N TYR B 444 21.85 -24.69 12.98
CA TYR B 444 22.91 -24.24 13.87
C TYR B 444 22.35 -23.43 15.04
N LEU B 445 21.46 -22.48 14.75
CA LEU B 445 20.88 -21.67 15.82
C LEU B 445 20.11 -22.52 16.81
N PHE B 446 19.37 -23.53 16.32
CA PHE B 446 18.62 -24.37 17.23
C PHE B 446 19.54 -25.24 18.07
N ASN B 447 20.60 -25.78 17.46
CA ASN B 447 21.54 -26.57 18.25
C ASN B 447 22.26 -25.71 19.28
N LYS B 448 22.54 -24.44 18.97
N LYS B 448 22.51 -24.44 18.97
CA LYS B 448 23.11 -23.56 19.98
CA LYS B 448 23.09 -23.53 19.94
C LYS B 448 22.14 -23.37 21.14
C LYS B 448 22.14 -23.32 21.12
N SER B 449 20.84 -23.19 20.83
CA SER B 449 19.83 -23.07 21.88
C SER B 449 19.85 -24.29 22.81
N LEU B 450 19.92 -25.49 22.21
CA LEU B 450 19.97 -26.70 23.03
C LEU B 450 21.25 -26.78 23.86
N GLU B 451 22.36 -26.25 23.33
CA GLU B 451 23.61 -26.25 24.10
C GLU B 451 23.51 -25.36 25.34
N ILE B 452 23.00 -24.13 25.16
CA ILE B 452 23.03 -23.16 26.26
C ILE B 452 21.91 -23.38 27.27
N GLU B 453 20.77 -23.96 26.87
CA GLU B 453 19.72 -24.34 27.81
C GLU B 453 19.19 -25.70 27.40
N PRO B 454 19.80 -26.77 27.90
CA PRO B 454 19.41 -28.11 27.48
C PRO B 454 17.98 -28.47 27.87
N ARG B 455 17.39 -29.39 27.09
N ARG B 455 17.37 -29.38 27.08
CA ARG B 455 16.06 -29.91 27.41
CA ARG B 455 16.07 -29.92 27.40
C ARG B 455 16.08 -30.61 28.77
C ARG B 455 16.08 -30.61 28.77
N ASN B 456 15.03 -30.37 29.56
CA ASN B 456 14.88 -31.10 30.80
C ASN B 456 14.83 -32.60 30.50
N PRO B 457 15.39 -33.46 31.36
CA PRO B 457 15.97 -33.14 32.66
C PRO B 457 17.48 -32.92 32.66
N LYS B 458 18.08 -32.64 31.50
CA LYS B 458 19.51 -32.36 31.47
C LYS B 458 19.80 -31.11 32.29
N PRO B 459 20.89 -31.09 33.04
CA PRO B 459 21.18 -29.94 33.90
C PRO B 459 21.62 -28.73 33.09
N LEU B 460 21.39 -27.55 33.66
CA LEU B 460 21.80 -26.30 33.03
C LEU B 460 23.28 -26.08 33.26
N PRO B 461 24.11 -26.00 32.22
CA PRO B 461 25.53 -25.73 32.41
C PRO B 461 25.79 -24.25 32.66
N ARG B 462 27.04 -23.97 33.06
CA ARG B 462 27.56 -22.61 33.18
C ARG B 462 28.51 -22.36 32.02
N PHE B 463 28.61 -21.09 31.60
CA PHE B 463 29.45 -20.71 30.47
C PHE B 463 30.20 -19.44 30.82
N PRO B 464 31.42 -19.26 30.30
CA PRO B 464 32.17 -18.03 30.59
C PRO B 464 31.61 -16.82 29.86
N LYS B 465 31.88 -15.64 30.43
CA LYS B 465 31.51 -14.38 29.79
C LYS B 465 32.29 -14.19 28.50
N LYS B 466 31.68 -13.49 27.54
CA LYS B 466 32.35 -13.15 26.28
C LYS B 466 32.54 -11.66 26.06
N TYR B 467 31.86 -10.80 26.81
CA TYR B 467 31.93 -9.35 26.58
C TYR B 467 32.84 -8.71 27.62
N SER B 468 33.79 -7.89 27.18
CA SER B 468 34.72 -7.25 28.10
C SER B 468 34.28 -5.87 28.56
N TYR B 469 33.20 -5.33 27.99
CA TYR B 469 32.71 -4.00 28.28
C TYR B 469 31.46 -4.06 29.17
N PRO B 470 31.03 -2.92 29.74
CA PRO B 470 29.87 -2.96 30.62
C PRO B 470 28.60 -3.37 29.88
N LEU B 471 27.78 -4.18 30.53
CA LEU B 471 26.51 -4.62 29.98
C LEU B 471 25.35 -3.69 30.32
N LYS B 472 25.56 -2.71 31.21
CA LYS B 472 24.45 -1.87 31.62
C LYS B 472 23.95 -1.03 30.46
N SER B 473 22.65 -1.03 30.23
CA SER B 473 22.10 -0.25 29.14
C SER B 473 22.10 1.24 29.49
N PRO B 474 22.34 2.13 28.52
CA PRO B 474 22.14 3.55 28.77
C PRO B 474 20.67 3.96 28.77
N GLY B 475 19.75 3.03 28.49
CA GLY B 475 18.33 3.35 28.45
C GLY B 475 17.91 3.91 27.10
N VAL B 476 16.60 4.11 26.96
CA VAL B 476 16.05 4.57 25.69
C VAL B 476 15.32 5.92 25.81
N ARG B 477 15.57 6.67 26.87
CA ARG B 477 15.08 8.05 26.87
C ARG B 477 16.17 8.97 26.32
N PRO B 478 15.86 9.84 25.35
CA PRO B 478 16.92 10.63 24.71
C PRO B 478 17.47 11.72 25.62
N SER B 479 18.71 12.10 25.31
CA SER B 479 19.42 13.17 26.02
C SER B 479 19.49 14.40 25.13
N ASN B 480 19.70 15.56 25.75
CA ASN B 480 19.73 16.81 24.97
C ASN B 480 20.67 17.80 25.63
N PRO B 481 21.95 17.81 25.24
CA PRO B 481 22.83 18.91 25.62
C PRO B 481 22.46 20.18 24.85
N ARG B 482 23.00 21.30 25.30
CA ARG B 482 22.76 22.56 24.60
C ARG B 482 23.46 22.52 23.24
N GLY C 1 -19.10 -22.71 24.33
CA GLY C 1 -19.93 -23.42 23.36
C GLY C 1 -19.16 -24.38 22.48
N MET C 2 -19.11 -24.09 21.18
CA MET C 2 -18.53 -25.02 20.23
C MET C 2 -17.02 -24.89 20.18
N THR C 3 -16.37 -26.01 19.84
CA THR C 3 -14.93 -26.05 19.74
C THR C 3 -14.46 -25.24 18.54
N GLU C 4 -13.36 -24.52 18.72
CA GLU C 4 -12.70 -23.82 17.64
C GLU C 4 -11.37 -24.51 17.35
N TYR C 5 -11.09 -24.78 16.08
CA TYR C 5 -9.84 -25.40 15.66
C TYR C 5 -9.03 -24.36 14.91
N LYS C 6 -7.78 -24.19 15.32
CA LYS C 6 -6.87 -23.27 14.66
C LYS C 6 -6.01 -24.07 13.68
N LEU C 7 -6.29 -23.89 12.40
CA LEU C 7 -5.59 -24.63 11.35
C LEU C 7 -4.65 -23.69 10.62
N VAL C 8 -3.51 -24.23 10.18
CA VAL C 8 -2.49 -23.45 9.50
C VAL C 8 -2.14 -24.13 8.18
N VAL C 9 -2.17 -23.36 7.08
CA VAL C 9 -1.80 -23.85 5.76
C VAL C 9 -0.35 -23.47 5.51
N VAL C 10 0.47 -24.46 5.12
CA VAL C 10 1.88 -24.22 4.82
C VAL C 10 2.22 -24.83 3.46
N GLY C 11 3.21 -24.27 2.79
CA GLY C 11 3.67 -24.84 1.54
C GLY C 11 4.29 -23.79 0.63
N ALA C 12 4.89 -24.28 -0.44
CA ALA C 12 5.61 -23.40 -1.37
C ALA C 12 4.69 -22.34 -1.97
N GLY C 13 5.26 -21.17 -2.24
CA GLY C 13 4.51 -20.12 -2.89
C GLY C 13 4.50 -20.24 -4.41
N GLY C 14 3.68 -19.39 -5.02
CA GLY C 14 3.64 -19.24 -6.47
C GLY C 14 2.97 -20.37 -7.22
N VAL C 15 2.35 -21.31 -6.52
CA VAL C 15 1.77 -22.49 -7.19
C VAL C 15 0.34 -22.75 -6.73
N GLY C 16 -0.42 -21.69 -6.41
CA GLY C 16 -1.85 -21.82 -6.22
C GLY C 16 -2.32 -22.29 -4.85
N LYS C 17 -1.43 -22.32 -3.86
CA LYS C 17 -1.78 -22.78 -2.51
C LYS C 17 -3.02 -22.07 -1.94
N SER C 18 -3.16 -20.77 -2.20
CA SER C 18 -4.25 -20.00 -1.58
C SER C 18 -5.65 -20.45 -2.03
N ALA C 19 -5.74 -21.19 -3.16
CA ALA C 19 -7.06 -21.59 -3.65
C ALA C 19 -7.77 -22.53 -2.70
N LEU C 20 -7.00 -23.27 -1.89
CA LEU C 20 -7.60 -24.24 -0.98
C LEU C 20 -8.52 -23.56 0.02
N THR C 21 -8.01 -22.56 0.74
CA THR C 21 -8.80 -21.89 1.76
C THR C 21 -9.86 -20.98 1.14
N ILE C 22 -9.52 -20.29 0.05
CA ILE C 22 -10.50 -19.44 -0.63
C ILE C 22 -11.71 -20.27 -1.03
N GLN C 23 -11.49 -21.44 -1.63
CA GLN C 23 -12.62 -22.25 -2.10
C GLN C 23 -13.45 -22.76 -0.93
N LEU C 24 -12.78 -23.10 0.18
CA LEU C 24 -13.50 -23.57 1.35
C LEU C 24 -14.40 -22.48 1.90
N ILE C 25 -13.78 -21.35 2.27
CA ILE C 25 -14.44 -20.26 2.99
C ILE C 25 -15.41 -19.54 2.09
N GLN C 26 -15.17 -19.58 0.77
CA GLN C 26 -15.96 -18.85 -0.18
C GLN C 26 -17.44 -19.09 0.04
N ASN C 27 -18.24 -18.09 -0.30
CA ASN C 27 -19.52 -18.39 -0.89
C ASN C 27 -19.19 -19.50 -1.87
N HIS C 28 -19.43 -20.76 -1.48
CA HIS C 28 -19.07 -21.89 -2.34
C HIS C 28 -19.55 -21.67 -3.76
N PHE C 29 -20.71 -21.03 -3.93
CA PHE C 29 -21.40 -20.98 -5.22
C PHE C 29 -21.33 -19.62 -5.90
N VAL C 30 -20.59 -18.65 -5.37
CA VAL C 30 -20.32 -17.41 -6.09
C VAL C 30 -18.82 -17.17 -6.04
N ASP C 31 -18.20 -17.08 -7.21
CA ASP C 31 -16.72 -17.00 -7.30
C ASP C 31 -16.27 -15.57 -7.04
N GLU C 32 -16.07 -15.27 -5.75
CA GLU C 32 -15.81 -13.92 -5.28
C GLU C 32 -15.13 -14.00 -3.90
N TYR C 33 -14.37 -12.94 -3.56
CA TYR C 33 -13.63 -12.95 -2.30
C TYR C 33 -13.16 -11.54 -1.94
N ASP C 34 -13.27 -11.19 -0.67
CA ASP C 34 -12.58 -10.01 -0.14
C ASP C 34 -11.82 -10.48 1.10
N PRO C 35 -10.51 -10.69 0.99
CA PRO C 35 -9.75 -11.23 2.12
C PRO C 35 -9.58 -10.22 3.25
N THR C 36 -9.80 -8.93 2.98
CA THR C 36 -9.63 -7.93 4.03
C THR C 36 -10.75 -7.97 5.04
N ILE C 37 -11.81 -8.72 4.74
CA ILE C 37 -13.03 -8.69 5.53
C ILE C 37 -12.85 -9.55 6.77
N GLU C 38 -12.95 -8.91 7.93
CA GLU C 38 -13.07 -9.55 9.23
C GLU C 38 -13.78 -10.89 9.09
N ASP C 39 -13.04 -11.96 9.36
CA ASP C 39 -13.58 -13.32 9.33
C ASP C 39 -13.92 -13.76 7.91
N SER C 40 -12.98 -13.51 6.99
N SER C 40 -12.98 -13.50 6.99
CA SER C 40 -12.88 -14.19 5.71
CA SER C 40 -12.94 -14.22 5.72
C SER C 40 -12.09 -15.47 5.84
C SER C 40 -12.08 -15.47 5.83
N TYR C 41 -11.78 -15.89 7.07
CA TYR C 41 -10.95 -17.04 7.36
C TYR C 41 -11.52 -17.80 8.55
N ARG C 42 -12.78 -17.55 8.90
CA ARG C 42 -13.50 -18.30 9.92
C ARG C 42 -14.75 -18.89 9.28
N LYS C 43 -15.05 -20.15 9.64
CA LYS C 43 -16.20 -20.83 9.05
C LYS C 43 -16.73 -21.85 10.04
N GLN C 44 -18.03 -21.78 10.28
CA GLN C 44 -18.71 -22.76 11.11
C GLN C 44 -19.14 -23.93 10.23
N VAL C 45 -18.80 -25.15 10.65
CA VAL C 45 -19.05 -26.36 9.87
C VAL C 45 -19.53 -27.47 10.80
N VAL C 46 -20.16 -28.48 10.20
CA VAL C 46 -20.58 -29.68 10.91
C VAL C 46 -19.78 -30.86 10.37
N ILE C 47 -18.97 -31.48 11.22
CA ILE C 47 -18.12 -32.60 10.86
C ILE C 47 -18.52 -33.80 11.71
N ASP C 48 -18.99 -34.87 11.06
CA ASP C 48 -19.44 -36.07 11.75
C ASP C 48 -20.50 -35.74 12.80
N GLY C 49 -21.41 -34.83 12.45
CA GLY C 49 -22.51 -34.47 13.32
C GLY C 49 -22.18 -33.50 14.44
N GLU C 50 -20.94 -33.02 14.51
CA GLU C 50 -20.52 -32.14 15.60
C GLU C 50 -20.15 -30.78 15.02
N THR C 51 -20.86 -29.73 15.45
CA THR C 51 -20.61 -28.38 14.96
C THR C 51 -19.36 -27.81 15.59
N CYS C 52 -18.53 -27.17 14.77
CA CYS C 52 -17.32 -26.53 15.25
C CYS C 52 -17.00 -25.32 14.37
N LEU C 53 -16.03 -24.53 14.82
CA LEU C 53 -15.60 -23.33 14.13
C LEU C 53 -14.16 -23.53 13.66
N LEU C 54 -13.92 -23.32 12.37
CA LEU C 54 -12.57 -23.38 11.81
C LEU C 54 -12.00 -21.97 11.71
N ASP C 55 -10.82 -21.77 12.27
CA ASP C 55 -10.06 -20.53 12.09
C ASP C 55 -8.83 -20.91 11.28
N ILE C 56 -8.73 -20.40 10.05
CA ILE C 56 -7.69 -20.85 9.13
C ILE C 56 -6.69 -19.73 8.92
N LEU C 57 -5.41 -20.01 9.18
CA LEU C 57 -4.33 -19.09 8.89
C LEU C 57 -3.64 -19.53 7.60
N ASP C 58 -3.71 -18.69 6.57
CA ASP C 58 -3.04 -18.94 5.29
C ASP C 58 -2.29 -17.66 4.97
N THR C 59 -0.96 -17.67 5.17
CA THR C 59 -0.15 -16.48 4.90
C THR C 59 0.41 -16.45 3.48
N ALA C 60 -0.29 -17.09 2.53
CA ALA C 60 0.13 -17.09 1.14
C ALA C 60 0.56 -15.71 0.68
N GLY C 61 1.71 -15.64 0.01
CA GLY C 61 2.30 -14.39 -0.42
C GLY C 61 3.44 -13.91 0.46
N GLN C 62 3.53 -14.41 1.69
CA GLN C 62 4.57 -14.02 2.64
C GLN C 62 5.70 -15.03 2.73
N GLU C 63 5.85 -15.90 1.72
CA GLU C 63 6.83 -16.98 1.81
C GLU C 63 8.25 -16.46 1.96
N GLU C 64 8.56 -15.27 1.43
CA GLU C 64 9.92 -14.77 1.54
C GLU C 64 10.25 -14.33 2.97
N TYR C 65 9.25 -14.09 3.82
CA TYR C 65 9.50 -13.77 5.25
C TYR C 65 9.77 -15.08 5.99
N SER C 66 10.90 -15.71 5.67
CA SER C 66 11.14 -17.07 6.14
C SER C 66 11.36 -17.12 7.65
N ALA C 67 11.82 -16.02 8.26
CA ALA C 67 12.06 -16.04 9.69
C ALA C 67 10.79 -15.83 10.50
N MET C 68 9.65 -15.57 9.84
CA MET C 68 8.36 -15.49 10.52
C MET C 68 7.62 -16.82 10.57
N ARG C 69 8.12 -17.85 9.88
CA ARG C 69 7.38 -19.11 9.79
C ARG C 69 7.17 -19.73 11.16
N ASP C 70 8.19 -19.71 12.02
CA ASP C 70 8.03 -20.29 13.36
C ASP C 70 6.86 -19.65 14.10
N GLN C 71 6.80 -18.32 14.10
N GLN C 71 6.82 -18.31 14.09
CA GLN C 71 5.74 -17.67 14.85
CA GLN C 71 5.79 -17.57 14.79
C GLN C 71 4.37 -18.01 14.29
C GLN C 71 4.39 -17.95 14.28
N TYR C 72 4.22 -17.95 12.96
CA TYR C 72 2.93 -18.32 12.36
C TYR C 72 2.57 -19.76 12.68
N MET C 73 3.53 -20.68 12.57
CA MET C 73 3.23 -22.09 12.80
C MET C 73 2.85 -22.36 14.25
N ARG C 74 3.44 -21.64 15.20
CA ARG C 74 3.13 -21.97 16.59
C ARG C 74 1.66 -21.69 16.92
N THR C 75 0.98 -20.84 16.15
CA THR C 75 -0.44 -20.58 16.43
C THR C 75 -1.34 -21.78 16.16
N GLY C 76 -0.87 -22.79 15.43
CA GLY C 76 -1.75 -23.83 14.91
C GLY C 76 -1.85 -25.08 15.76
N GLU C 77 -3.03 -25.70 15.75
CA GLU C 77 -3.22 -27.04 16.32
C GLU C 77 -3.09 -28.13 15.27
N GLY C 78 -3.36 -27.82 14.02
CA GLY C 78 -3.29 -28.79 12.94
C GLY C 78 -2.83 -28.09 11.68
N PHE C 79 -2.22 -28.86 10.77
CA PHE C 79 -1.52 -28.26 9.63
C PHE C 79 -1.89 -28.97 8.33
N LEU C 80 -2.15 -28.18 7.29
CA LEU C 80 -2.24 -28.70 5.93
C LEU C 80 -0.93 -28.37 5.23
N CYS C 81 -0.17 -29.40 4.86
CA CYS C 81 1.08 -29.20 4.12
C CYS C 81 0.78 -29.42 2.65
N VAL C 82 0.87 -28.34 1.86
CA VAL C 82 0.35 -28.29 0.49
C VAL C 82 1.50 -28.23 -0.50
N PHE C 83 1.43 -29.04 -1.55
CA PHE C 83 2.32 -28.92 -2.70
C PHE C 83 1.47 -28.93 -3.96
N ALA C 84 2.06 -28.50 -5.07
CA ALA C 84 1.38 -28.51 -6.37
C ALA C 84 1.78 -29.75 -7.14
N ILE C 85 0.80 -30.44 -7.73
CA ILE C 85 1.10 -31.70 -8.39
C ILE C 85 1.87 -31.52 -9.69
N ASN C 86 2.01 -30.28 -10.18
CA ASN C 86 2.87 -30.03 -11.33
C ASN C 86 4.16 -29.31 -10.96
N ASN C 87 4.56 -29.33 -9.69
CA ASN C 87 5.80 -28.66 -9.26
C ASN C 87 6.55 -29.59 -8.30
N THR C 88 7.53 -30.33 -8.85
N THR C 88 7.53 -30.34 -8.84
CA THR C 88 8.24 -31.32 -8.04
CA THR C 88 8.23 -31.32 -8.02
C THR C 88 8.98 -30.67 -6.88
C THR C 88 9.00 -30.67 -6.88
N LYS C 89 9.52 -29.46 -7.08
CA LYS C 89 10.23 -28.80 -5.99
C LYS C 89 9.33 -28.56 -4.80
N SER C 90 8.07 -28.15 -5.03
CA SER C 90 7.16 -27.93 -3.91
C SER C 90 6.88 -29.23 -3.15
N PHE C 91 6.92 -30.36 -3.85
CA PHE C 91 6.75 -31.66 -3.20
C PHE C 91 7.98 -32.02 -2.38
N GLU C 92 9.17 -31.75 -2.93
CA GLU C 92 10.41 -32.01 -2.21
C GLU C 92 10.55 -31.13 -0.97
N ASP C 93 9.93 -29.94 -0.97
CA ASP C 93 9.93 -29.06 0.21
C ASP C 93 9.15 -29.63 1.39
N ILE C 94 8.27 -30.60 1.18
CA ILE C 94 7.34 -31.01 2.23
C ILE C 94 8.10 -31.53 3.45
N HIS C 95 9.16 -32.33 3.23
CA HIS C 95 9.92 -32.89 4.34
C HIS C 95 10.36 -31.80 5.30
N GLN C 96 10.91 -30.70 4.77
CA GLN C 96 11.43 -29.67 5.68
C GLN C 96 10.31 -28.90 6.36
N TYR C 97 9.18 -28.69 5.70
CA TYR C 97 8.03 -28.10 6.38
C TYR C 97 7.58 -28.96 7.56
N ARG C 98 7.50 -30.28 7.35
CA ARG C 98 7.07 -31.16 8.44
C ARG C 98 8.07 -31.13 9.59
N GLU C 99 9.36 -31.16 9.29
CA GLU C 99 10.36 -31.11 10.35
C GLU C 99 10.27 -29.79 11.12
N GLN C 100 9.98 -28.69 10.43
CA GLN C 100 9.88 -27.41 11.10
C GLN C 100 8.64 -27.34 12.01
N ILE C 101 7.52 -27.90 11.55
CA ILE C 101 6.33 -27.96 12.39
C ILE C 101 6.60 -28.77 13.66
N LYS C 102 7.25 -29.92 13.51
CA LYS C 102 7.55 -30.76 14.68
C LYS C 102 8.42 -30.01 15.67
N ARG C 103 9.39 -29.24 15.17
CA ARG C 103 10.25 -28.48 16.06
C ARG C 103 9.49 -27.36 16.76
N VAL C 104 8.67 -26.60 16.03
N VAL C 104 8.68 -26.60 16.00
CA VAL C 104 8.02 -25.46 16.68
CA VAL C 104 7.96 -25.48 16.58
C VAL C 104 6.93 -25.92 17.65
C VAL C 104 6.97 -25.95 17.63
N LYS C 105 6.29 -27.06 17.36
CA LYS C 105 5.30 -27.60 18.29
C LYS C 105 5.92 -28.46 19.37
N ASP C 106 7.22 -28.77 19.25
CA ASP C 106 7.94 -29.62 20.20
C ASP C 106 7.24 -30.97 20.38
N SER C 107 6.89 -31.59 19.26
CA SER C 107 6.18 -32.85 19.29
C SER C 107 6.50 -33.64 18.03
N ASP C 108 6.64 -34.95 18.19
CA ASP C 108 6.85 -35.84 17.06
C ASP C 108 5.54 -36.29 16.42
N ASP C 109 4.40 -35.91 17.00
CA ASP C 109 3.08 -36.35 16.56
C ASP C 109 2.13 -35.15 16.53
N VAL C 110 2.27 -34.33 15.50
CA VAL C 110 1.44 -33.13 15.31
C VAL C 110 0.37 -33.45 14.28
N PRO C 111 -0.90 -33.13 14.53
CA PRO C 111 -1.95 -33.39 13.52
C PRO C 111 -1.67 -32.66 12.22
N MET C 112 -1.61 -33.41 11.12
CA MET C 112 -1.33 -32.79 9.84
C MET C 112 -1.80 -33.70 8.71
N VAL C 113 -2.04 -33.07 7.56
CA VAL C 113 -2.46 -33.78 6.35
C VAL C 113 -1.57 -33.28 5.21
N LEU C 114 -1.28 -34.18 4.28
CA LEU C 114 -0.58 -33.85 3.05
C LEU C 114 -1.60 -33.59 1.96
N VAL C 115 -1.47 -32.45 1.26
CA VAL C 115 -2.42 -32.05 0.24
C VAL C 115 -1.68 -31.83 -1.08
N GLY C 116 -2.08 -32.55 -2.12
CA GLY C 116 -1.60 -32.32 -3.46
C GLY C 116 -2.64 -31.53 -4.23
N ASN C 117 -2.25 -30.34 -4.70
CA ASN C 117 -3.17 -29.36 -5.27
C ASN C 117 -2.96 -29.27 -6.77
N LYS C 118 -4.05 -29.40 -7.54
N LYS C 118 -4.04 -29.43 -7.54
CA LYS C 118 -4.02 -29.24 -8.99
CA LYS C 118 -3.98 -29.25 -8.99
C LYS C 118 -4.40 -27.80 -9.30
C LYS C 118 -4.39 -27.81 -9.30
N CYS C 119 -3.40 -26.98 -9.65
CA CYS C 119 -3.61 -25.54 -9.78
C CYS C 119 -3.77 -25.08 -11.22
N ASP C 120 -3.49 -25.93 -12.21
CA ASP C 120 -3.74 -25.58 -13.59
C ASP C 120 -3.78 -26.86 -14.42
N LEU C 121 -3.79 -26.69 -15.75
CA LEU C 121 -3.82 -27.81 -16.68
C LEU C 121 -2.43 -28.21 -17.16
N ALA C 122 -1.37 -27.56 -16.66
CA ALA C 122 -0.01 -27.99 -16.95
C ALA C 122 0.20 -29.43 -16.48
N ALA C 123 1.18 -30.09 -17.07
CA ALA C 123 1.31 -31.53 -16.91
C ALA C 123 1.69 -31.89 -15.48
N ARG C 124 1.01 -32.89 -14.92
CA ARG C 124 1.36 -33.38 -13.60
C ARG C 124 2.76 -33.97 -13.61
N THR C 125 3.56 -33.65 -12.58
CA THR C 125 4.88 -34.22 -12.43
C THR C 125 5.06 -35.03 -11.16
N VAL C 126 4.12 -34.96 -10.22
CA VAL C 126 4.13 -35.78 -9.02
C VAL C 126 2.96 -36.74 -9.12
N GLU C 127 3.24 -38.04 -9.23
CA GLU C 127 2.16 -39.02 -9.34
C GLU C 127 1.55 -39.28 -7.96
N SER C 128 0.26 -39.64 -7.98
N SER C 128 0.28 -39.68 -7.96
CA SER C 128 -0.48 -40.01 -6.77
CA SER C 128 -0.40 -39.92 -6.68
C SER C 128 0.32 -40.98 -5.91
C SER C 128 0.28 -41.01 -5.87
N ARG C 129 0.87 -42.03 -6.53
CA ARG C 129 1.55 -43.06 -5.76
C ARG C 129 2.75 -42.51 -5.00
N GLN C 130 3.51 -41.59 -5.62
CA GLN C 130 4.63 -40.96 -4.91
C GLN C 130 4.16 -40.24 -3.66
N ALA C 131 3.06 -39.50 -3.77
CA ALA C 131 2.57 -38.73 -2.64
C ALA C 131 1.95 -39.64 -1.57
N GLN C 132 1.25 -40.69 -2.00
CA GLN C 132 0.72 -41.67 -1.03
C GLN C 132 1.85 -42.33 -0.26
N ASP C 133 2.93 -42.70 -0.95
CA ASP C 133 4.06 -43.33 -0.28
C ASP C 133 4.67 -42.38 0.75
N LEU C 134 4.83 -41.10 0.39
CA LEU C 134 5.38 -40.13 1.33
C LEU C 134 4.48 -39.98 2.55
N ALA C 135 3.17 -39.82 2.33
CA ALA C 135 2.23 -39.68 3.43
C ALA C 135 2.26 -40.91 4.34
N ARG C 136 2.31 -42.10 3.74
CA ARG C 136 2.36 -43.30 4.57
C ARG C 136 3.65 -43.38 5.39
N SER C 137 4.77 -42.93 4.80
CA SER C 137 6.02 -42.95 5.56
C SER C 137 5.96 -42.02 6.77
N TYR C 138 5.12 -40.98 6.71
CA TYR C 138 4.90 -40.06 7.83
C TYR C 138 3.76 -40.48 8.74
N GLY C 139 2.93 -41.43 8.33
CA GLY C 139 1.75 -41.74 9.11
C GLY C 139 0.64 -40.71 9.06
N ILE C 140 0.46 -40.02 7.93
CA ILE C 140 -0.56 -38.98 7.83
C ILE C 140 -1.42 -39.22 6.59
N PRO C 141 -2.62 -38.66 6.55
CA PRO C 141 -3.47 -38.79 5.37
C PRO C 141 -2.97 -37.99 4.18
N TYR C 142 -3.38 -38.41 2.99
CA TYR C 142 -3.12 -37.71 1.74
C TYR C 142 -4.44 -37.38 1.07
N ILE C 143 -4.63 -36.12 0.68
CA ILE C 143 -5.83 -35.67 -0.03
C ILE C 143 -5.39 -34.89 -1.27
N GLU C 144 -6.02 -35.15 -2.42
CA GLU C 144 -5.77 -34.34 -3.61
C GLU C 144 -6.95 -33.41 -3.86
N THR C 145 -6.64 -32.18 -4.29
CA THR C 145 -7.64 -31.14 -4.45
C THR C 145 -7.48 -30.46 -5.80
N SER C 146 -8.58 -29.90 -6.29
CA SER C 146 -8.55 -29.08 -7.50
C SER C 146 -8.70 -27.61 -7.09
N ALA C 147 -7.88 -26.74 -7.69
CA ALA C 147 -7.96 -25.31 -7.40
C ALA C 147 -9.08 -24.63 -8.17
N LYS C 148 -9.78 -25.37 -9.02
CA LYS C 148 -10.81 -24.79 -9.90
C LYS C 148 -12.21 -25.34 -9.65
N THR C 149 -12.35 -26.62 -9.28
CA THR C 149 -13.67 -27.25 -9.20
C THR C 149 -14.15 -27.46 -7.78
N ARG C 150 -13.31 -27.13 -6.80
CA ARG C 150 -13.53 -27.32 -5.37
C ARG C 150 -13.46 -28.80 -4.96
N GLN C 151 -13.15 -29.71 -5.88
CA GLN C 151 -13.05 -31.11 -5.49
C GLN C 151 -11.94 -31.31 -4.46
N GLY C 152 -12.24 -32.11 -3.44
CA GLY C 152 -11.28 -32.46 -2.40
C GLY C 152 -11.11 -31.43 -1.29
N VAL C 153 -11.62 -30.20 -1.47
CA VAL C 153 -11.33 -29.13 -0.53
C VAL C 153 -11.93 -29.44 0.84
N GLU C 154 -13.22 -29.79 0.88
N GLU C 154 -13.22 -29.76 0.88
CA GLU C 154 -13.83 -30.11 2.16
CA GLU C 154 -13.84 -30.13 2.15
C GLU C 154 -13.16 -31.34 2.79
C GLU C 154 -13.14 -31.32 2.78
N ASP C 155 -12.82 -32.34 1.96
CA ASP C 155 -12.14 -33.53 2.48
C ASP C 155 -10.82 -33.16 3.16
N ALA C 156 -10.05 -32.24 2.57
CA ALA C 156 -8.76 -31.90 3.16
C ALA C 156 -8.94 -31.31 4.56
N PHE C 157 -9.84 -30.34 4.71
CA PHE C 157 -10.01 -29.69 6.02
C PHE C 157 -10.70 -30.61 7.01
N TYR C 158 -11.75 -31.32 6.59
CA TYR C 158 -12.44 -32.22 7.51
C TYR C 158 -11.55 -33.36 7.96
N THR C 159 -10.73 -33.89 7.05
CA THR C 159 -9.79 -34.94 7.45
C THR C 159 -8.82 -34.42 8.51
N LEU C 160 -8.32 -33.19 8.35
CA LEU C 160 -7.44 -32.61 9.36
C LEU C 160 -8.16 -32.46 10.70
N VAL C 161 -9.40 -32.00 10.70
CA VAL C 161 -10.12 -31.87 11.97
C VAL C 161 -10.27 -33.24 12.63
N ARG C 162 -10.52 -34.29 11.85
CA ARG C 162 -10.60 -35.62 12.43
C ARG C 162 -9.25 -36.06 13.02
N GLU C 163 -8.14 -35.68 12.38
CA GLU C 163 -6.83 -35.98 12.95
C GLU C 163 -6.65 -35.29 14.30
N ILE C 164 -7.13 -34.05 14.43
CA ILE C 164 -7.04 -33.35 15.71
C ILE C 164 -7.91 -34.05 16.75
N ARG C 165 -9.15 -34.38 16.37
CA ARG C 165 -10.08 -35.01 17.32
C ARG C 165 -9.57 -36.35 17.81
N GLN C 166 -8.84 -37.07 16.98
CA GLN C 166 -8.38 -38.40 17.31
C GLN C 166 -6.93 -38.44 17.78
N HIS C 167 -6.32 -37.28 18.03
CA HIS C 167 -4.94 -37.24 18.48
C HIS C 167 -4.79 -37.92 19.85
#